data_2P1Y
#
_entry.id   2P1Y
#
_cell.length_a   71.681
_cell.length_b   105.477
_cell.length_c   81.531
_cell.angle_alpha   90.00
_cell.angle_beta   116.04
_cell.angle_gamma   90.00
#
_symmetry.space_group_name_H-M   'P 1 21 1'
#
loop_
_entity.id
_entity.type
_entity.pdbx_description
1 polymer 'bispecific alpha/beta TCR'
2 water water
#
_entity_poly.entity_id   1
_entity_poly.type   'polypeptide(L)'
_entity_poly.pdbx_seq_one_letter_code
;MAVTQSPRNKVAVTGGKVTLSCNQTNNHNNMYWYRQDTGHGLRLIHYSYGAGSTEKGDIPDGYKASRPSQENFSLILELA
TPSQTSVYFCASGDLGQTNERLFFGHGTKLSVLGSADDAKKDAAKKDGQVRQSPQSLTVWEGETAILNCSYENSAFDYFP
WYQQFPGEGPALLISILSVSDKKEDGRFTIFFNKREKKLSLHIADSQPGDSATYFCAAIDTNAYKVIFGKGTHLHVLP
;
_entity_poly.pdbx_strand_id   A,C,E,G
#
# COMPACT_ATOMS: atom_id res chain seq x y z
N ALA A 2 -31.57 38.28 -32.70
CA ALA A 2 -32.31 37.64 -31.62
C ALA A 2 -32.20 36.15 -31.77
N VAL A 3 -32.10 35.48 -30.60
CA VAL A 3 -32.23 34.08 -30.46
C VAL A 3 -33.36 34.00 -29.47
N THR A 4 -34.38 33.25 -29.81
CA THR A 4 -35.63 33.12 -29.03
C THR A 4 -35.92 31.63 -28.85
N GLN A 5 -36.37 31.26 -27.69
CA GLN A 5 -36.52 29.88 -27.32
C GLN A 5 -37.95 29.80 -26.90
N SER A 6 -38.51 28.61 -26.97
CA SER A 6 -39.95 28.39 -26.75
C SER A 6 -40.02 26.86 -26.51
N PRO A 7 -40.67 26.42 -25.41
CA PRO A 7 -41.25 27.33 -24.34
C PRO A 7 -40.22 27.80 -23.38
N ARG A 8 -40.58 28.68 -22.45
CA ARG A 8 -39.63 29.33 -21.54
C ARG A 8 -39.68 28.63 -20.17
N ASN A 9 -40.79 27.93 -19.90
CA ASN A 9 -40.96 27.06 -18.69
C ASN A 9 -41.79 25.87 -19.12
N LYS A 10 -41.40 24.71 -18.61
CA LYS A 10 -41.98 23.47 -19.02
C LYS A 10 -41.86 22.52 -17.85
N VAL A 11 -42.96 21.80 -17.59
CA VAL A 11 -43.00 20.77 -16.57
C VAL A 11 -43.38 19.53 -17.36
N ALA A 12 -42.71 18.41 -17.13
CA ALA A 12 -43.07 17.20 -17.77
C ALA A 12 -42.98 16.03 -16.79
N VAL A 13 -43.50 14.90 -17.22
CA VAL A 13 -43.56 13.69 -16.36
C VAL A 13 -42.47 12.69 -16.84
N THR A 14 -41.93 11.90 -15.94
CA THR A 14 -40.90 10.98 -16.39
C THR A 14 -41.51 9.95 -17.42
N GLY A 15 -40.80 9.82 -18.56
CA GLY A 15 -41.17 8.98 -19.67
C GLY A 15 -41.75 9.82 -20.80
N GLY A 16 -42.24 11.06 -20.50
CA GLY A 16 -42.84 11.98 -21.47
C GLY A 16 -41.86 12.37 -22.60
N LYS A 17 -42.36 13.07 -23.62
CA LYS A 17 -41.52 13.62 -24.67
C LYS A 17 -41.55 15.15 -24.62
N VAL A 18 -40.41 15.77 -24.70
CA VAL A 18 -40.33 17.24 -24.66
C VAL A 18 -39.59 17.74 -25.93
N THR A 19 -40.08 18.78 -26.56
CA THR A 19 -39.31 19.37 -27.65
C THR A 19 -39.06 20.84 -27.28
N LEU A 20 -37.78 21.33 -27.37
CA LEU A 20 -37.45 22.77 -27.12
C LEU A 20 -37.13 23.39 -28.46
N SER A 21 -37.74 24.56 -28.70
CA SER A 21 -37.50 25.22 -30.00
C SER A 21 -36.63 26.46 -29.85
N CYS A 22 -35.79 26.65 -30.85
CA CYS A 22 -34.99 27.87 -30.94
C CYS A 22 -35.05 28.52 -32.32
N ASN A 23 -35.26 29.84 -32.30
CA ASN A 23 -35.37 30.59 -33.52
C ASN A 23 -34.37 31.66 -33.47
N GLN A 24 -33.48 31.80 -34.48
CA GLN A 24 -32.57 32.98 -34.52
C GLN A 24 -32.85 33.87 -35.76
N THR A 25 -32.51 35.16 -35.68
CA THR A 25 -32.69 36.12 -36.80
C THR A 25 -31.34 36.72 -37.23
N ASN A 26 -30.25 36.23 -36.61
CA ASN A 26 -28.92 36.69 -36.79
C ASN A 26 -28.37 36.21 -38.14
N ASN A 27 -29.05 35.27 -38.82
CA ASN A 27 -28.50 34.75 -40.04
C ASN A 27 -27.17 33.96 -39.92
N HIS A 28 -26.94 33.38 -38.76
CA HIS A 28 -25.73 32.63 -38.38
C HIS A 28 -25.81 31.19 -38.82
N ASN A 29 -24.68 30.65 -39.24
CA ASN A 29 -24.64 29.30 -39.72
C ASN A 29 -24.69 28.27 -38.60
N ASN A 30 -24.02 28.57 -37.46
CA ASN A 30 -23.89 27.74 -36.28
C ASN A 30 -24.96 28.02 -35.17
N MET A 31 -25.53 26.97 -34.63
CA MET A 31 -26.36 27.02 -33.47
C MET A 31 -25.91 25.86 -32.54
N TYR A 32 -26.25 26.01 -31.25
CA TYR A 32 -25.80 25.26 -30.09
C TYR A 32 -26.97 25.11 -29.08
N TRP A 33 -27.05 23.96 -28.43
CA TRP A 33 -27.84 23.67 -27.22
C TRP A 33 -26.94 23.29 -26.05
N TYR A 34 -27.03 24.07 -25.01
CA TYR A 34 -26.35 23.85 -23.78
C TYR A 34 -27.36 23.63 -22.64
N ARG A 35 -26.91 23.06 -21.53
CA ARG A 35 -27.72 23.12 -20.33
C ARG A 35 -26.84 23.79 -19.26
N GLN A 36 -27.44 24.29 -18.20
CA GLN A 36 -26.70 24.98 -17.21
C GLN A 36 -27.02 24.28 -15.91
N ASP A 37 -26.00 23.73 -15.21
CA ASP A 37 -26.22 23.12 -13.88
C ASP A 37 -25.14 23.50 -12.89
N THR A 38 -25.55 23.47 -11.62
CA THR A 38 -24.66 23.71 -10.45
C THR A 38 -23.40 22.85 -10.45
N GLY A 39 -22.21 23.42 -10.35
CA GLY A 39 -21.06 22.48 -10.45
C GLY A 39 -20.55 22.07 -11.84
N HIS A 40 -21.32 22.38 -12.88
CA HIS A 40 -21.05 21.96 -14.27
C HIS A 40 -20.92 23.18 -15.23
N GLY A 41 -21.35 24.39 -14.80
CA GLY A 41 -21.47 25.46 -15.75
C GLY A 41 -22.37 25.04 -16.90
N LEU A 42 -21.93 25.40 -18.12
CA LEU A 42 -22.60 25.14 -19.44
C LEU A 42 -22.02 23.95 -20.14
N ARG A 43 -22.85 22.96 -20.44
CA ARG A 43 -22.31 21.83 -21.14
C ARG A 43 -23.06 21.77 -22.41
N LEU A 44 -22.29 21.52 -23.47
CA LEU A 44 -22.80 21.46 -24.82
C LEU A 44 -23.45 20.16 -25.07
N ILE A 45 -24.75 20.21 -25.37
CA ILE A 45 -25.46 19.00 -25.69
C ILE A 45 -25.35 18.59 -27.22
N HIS A 46 -25.78 19.47 -28.18
CA HIS A 46 -25.73 19.15 -29.55
C HIS A 46 -25.45 20.49 -30.18
N TYR A 47 -24.89 20.48 -31.40
CA TYR A 47 -24.78 21.72 -32.15
C TYR A 47 -25.00 21.44 -33.62
N SER A 48 -24.93 22.54 -34.41
CA SER A 48 -25.21 22.45 -35.85
C SER A 48 -24.38 23.48 -36.54
N TYR A 49 -23.73 23.07 -37.62
CA TYR A 49 -22.93 24.05 -38.38
C TYR A 49 -23.63 24.50 -39.67
N GLY A 50 -24.90 24.12 -39.93
CA GLY A 50 -25.68 24.83 -40.94
C GLY A 50 -26.96 24.07 -41.11
N ALA A 51 -27.87 24.55 -41.97
CA ALA A 51 -29.19 23.97 -42.23
C ALA A 51 -29.06 22.45 -42.54
N GLY A 52 -29.95 21.57 -42.06
CA GLY A 52 -29.80 20.15 -42.33
C GLY A 52 -28.70 19.34 -41.63
N SER A 53 -27.91 19.96 -40.77
CA SER A 53 -26.80 19.31 -40.08
C SER A 53 -26.93 19.44 -38.52
N THR A 54 -26.58 18.37 -37.81
CA THR A 54 -26.62 18.23 -36.40
C THR A 54 -25.31 17.49 -36.01
N GLU A 55 -24.65 17.92 -34.92
CA GLU A 55 -23.42 17.30 -34.39
C GLU A 55 -23.56 17.04 -32.90
N LYS A 56 -23.28 15.81 -32.40
CA LYS A 56 -23.38 15.54 -30.96
C LYS A 56 -22.37 16.42 -30.27
N GLY A 57 -22.71 17.02 -29.10
CA GLY A 57 -21.80 17.87 -28.34
C GLY A 57 -21.06 17.01 -27.31
N ASP A 58 -20.82 17.54 -26.10
CA ASP A 58 -20.05 16.81 -25.05
C ASP A 58 -20.94 15.82 -24.37
N ILE A 59 -22.25 16.16 -24.29
CA ILE A 59 -23.20 15.35 -23.47
C ILE A 59 -24.49 14.95 -24.27
N PRO A 60 -24.29 14.26 -25.40
CA PRO A 60 -25.48 14.00 -26.19
C PRO A 60 -26.51 13.03 -25.69
N ASP A 61 -26.17 12.16 -24.74
CA ASP A 61 -27.07 11.01 -24.48
C ASP A 61 -28.38 11.37 -23.86
N GLY A 62 -29.49 10.74 -24.36
CA GLY A 62 -30.87 11.17 -23.96
C GLY A 62 -31.58 12.36 -24.72
N TYR A 63 -30.90 13.00 -25.75
CA TYR A 63 -31.31 14.08 -26.55
C TYR A 63 -30.98 13.82 -27.99
N LYS A 64 -31.86 14.27 -28.85
CA LYS A 64 -31.63 14.41 -30.26
C LYS A 64 -31.85 15.90 -30.67
N ALA A 65 -31.45 16.30 -31.88
CA ALA A 65 -31.59 17.66 -32.34
C ALA A 65 -32.02 17.61 -33.83
N SER A 66 -32.62 18.69 -34.34
CA SER A 66 -33.03 18.77 -35.77
C SER A 66 -32.80 20.25 -36.16
N ARG A 67 -32.01 20.49 -37.23
CA ARG A 67 -31.84 21.76 -37.84
C ARG A 67 -32.58 21.78 -39.19
N PRO A 68 -33.93 21.97 -39.18
CA PRO A 68 -34.69 21.92 -40.47
C PRO A 68 -34.46 23.07 -41.42
N SER A 69 -33.92 24.18 -40.90
CA SER A 69 -33.75 25.36 -41.65
C SER A 69 -32.67 26.17 -40.96
N GLN A 70 -32.28 27.28 -41.56
CA GLN A 70 -31.24 28.16 -41.04
C GLN A 70 -31.62 28.76 -39.68
N GLU A 71 -32.88 29.17 -39.59
CA GLU A 71 -33.41 29.87 -38.44
C GLU A 71 -33.70 28.93 -37.28
N ASN A 72 -33.98 27.65 -37.56
CA ASN A 72 -34.60 26.84 -36.55
C ASN A 72 -33.72 25.63 -36.16
N PHE A 73 -33.56 25.43 -34.81
CA PHE A 73 -32.78 24.38 -34.19
C PHE A 73 -33.59 23.88 -33.02
N SER A 74 -34.12 22.67 -33.14
CA SER A 74 -34.85 22.06 -32.04
C SER A 74 -34.04 20.97 -31.19
N LEU A 75 -34.48 20.77 -29.93
CA LEU A 75 -33.88 19.82 -28.98
C LEU A 75 -34.99 18.91 -28.49
N ILE A 76 -34.83 17.63 -28.73
CA ILE A 76 -35.90 16.66 -28.60
C ILE A 76 -35.39 15.73 -27.50
N LEU A 77 -36.15 15.66 -26.42
CA LEU A 77 -36.01 14.67 -25.30
C LEU A 77 -37.15 13.62 -25.54
N GLU A 78 -36.84 12.45 -26.15
CA GLU A 78 -37.85 11.39 -26.41
C GLU A 78 -38.39 10.65 -25.19
N LEU A 79 -37.59 10.56 -24.16
CA LEU A 79 -38.02 9.92 -22.93
C LEU A 79 -37.49 10.75 -21.82
N ALA A 80 -38.28 11.67 -21.28
CA ALA A 80 -37.76 12.60 -20.30
C ALA A 80 -37.40 11.81 -18.98
N THR A 81 -36.20 12.04 -18.43
CA THR A 81 -35.88 11.58 -17.07
C THR A 81 -35.72 12.78 -16.13
N PRO A 82 -35.97 12.59 -14.81
CA PRO A 82 -35.66 13.71 -13.89
C PRO A 82 -34.22 14.23 -13.95
N SER A 83 -33.27 13.46 -14.46
CA SER A 83 -31.92 14.03 -14.56
C SER A 83 -31.87 15.14 -15.68
N GLN A 84 -32.93 15.19 -16.52
CA GLN A 84 -32.98 16.18 -17.55
C GLN A 84 -33.49 17.58 -17.09
N THR A 85 -33.79 17.69 -15.79
CA THR A 85 -34.27 18.93 -15.17
C THR A 85 -33.11 19.93 -15.20
N SER A 86 -33.34 21.16 -15.63
CA SER A 86 -32.23 22.05 -15.87
C SER A 86 -32.74 23.34 -16.48
N VAL A 87 -31.83 24.35 -16.67
CA VAL A 87 -32.05 25.50 -17.58
C VAL A 87 -31.32 25.26 -18.95
N TYR A 88 -32.05 25.33 -20.08
CA TYR A 88 -31.41 24.99 -21.34
C TYR A 88 -31.23 26.28 -22.11
N PHE A 89 -30.10 26.48 -22.81
CA PHE A 89 -29.78 27.73 -23.58
C PHE A 89 -29.42 27.36 -25.02
N CYS A 90 -30.05 28.03 -26.00
CA CYS A 90 -29.73 27.98 -27.40
C CYS A 90 -28.81 29.18 -27.60
N ALA A 91 -27.86 29.07 -28.57
CA ALA A 91 -26.93 30.08 -28.89
C ALA A 91 -26.74 30.00 -30.40
N SER A 92 -26.35 31.11 -31.05
CA SER A 92 -26.15 31.09 -32.50
C SER A 92 -24.81 31.72 -32.67
N GLY A 93 -24.06 31.33 -33.70
CA GLY A 93 -22.73 31.98 -33.84
C GLY A 93 -22.16 31.88 -35.21
N ASP A 94 -21.09 32.63 -35.39
CA ASP A 94 -20.23 32.46 -36.55
C ASP A 94 -19.10 31.53 -36.23
N ARG A 101 -18.02 34.10 -32.19
CA ARG A 101 -18.92 35.29 -31.98
C ARG A 101 -20.37 34.85 -31.78
N LEU A 102 -20.79 34.80 -30.49
CA LEU A 102 -21.78 33.83 -29.94
C LEU A 102 -22.83 34.51 -29.07
N PHE A 103 -24.12 34.35 -29.42
CA PHE A 103 -25.33 34.93 -28.87
C PHE A 103 -26.25 33.86 -28.34
N PHE A 104 -26.79 34.09 -27.13
CA PHE A 104 -27.54 33.11 -26.32
C PHE A 104 -28.98 33.56 -26.21
N GLY A 105 -29.91 32.60 -26.26
CA GLY A 105 -31.24 32.85 -25.80
C GLY A 105 -31.28 33.21 -24.34
N HIS A 106 -32.48 33.47 -23.88
CA HIS A 106 -32.86 33.80 -22.50
C HIS A 106 -33.03 32.59 -21.63
N GLY A 107 -33.09 31.38 -22.19
CA GLY A 107 -33.18 30.15 -21.35
C GLY A 107 -34.55 29.45 -21.26
N THR A 108 -34.55 28.14 -21.12
CA THR A 108 -35.82 27.50 -20.92
C THR A 108 -35.67 26.68 -19.65
N LYS A 109 -36.44 27.01 -18.63
CA LYS A 109 -36.42 26.08 -17.45
C LYS A 109 -37.30 24.84 -17.65
N LEU A 110 -36.68 23.67 -17.49
CA LEU A 110 -37.36 22.41 -17.59
C LEU A 110 -37.31 21.56 -16.25
N SER A 111 -38.48 21.08 -15.86
CA SER A 111 -38.64 20.32 -14.68
C SER A 111 -39.26 18.99 -15.08
N VAL A 112 -38.49 17.92 -14.93
CA VAL A 112 -38.97 16.59 -15.26
C VAL A 112 -39.34 15.89 -13.92
N LEU A 113 -40.59 15.54 -13.72
CA LEU A 113 -41.02 15.05 -12.38
C LEU A 113 -40.72 13.56 -12.21
N GLY A 114 -40.37 13.14 -10.99
CA GLY A 114 -40.27 11.71 -10.67
C GLY A 114 -41.57 10.88 -10.59
N SER A 115 -41.37 9.58 -10.48
CA SER A 115 -42.45 8.54 -10.41
C SER A 115 -43.42 8.60 -9.24
N ALA A 116 -44.90 6.88 -8.03
CA ALA A 116 -44.48 5.69 -7.22
C ALA A 116 -42.96 5.63 -7.01
N ASP A 117 -42.29 4.96 -7.94
CA ASP A 117 -40.95 4.42 -7.68
C ASP A 117 -39.98 5.44 -7.06
N ASP A 118 -39.59 6.49 -7.83
CA ASP A 118 -38.73 7.58 -7.39
C ASP A 118 -39.03 8.15 -5.91
N ALA A 119 -40.26 8.66 -5.70
CA ALA A 119 -40.61 9.43 -4.51
C ALA A 119 -40.47 8.64 -3.23
N LYS A 120 -40.79 7.36 -3.30
CA LYS A 120 -40.72 6.46 -2.15
C LYS A 120 -39.36 5.76 -1.94
N LYS A 121 -38.58 5.59 -3.00
CA LYS A 121 -37.17 5.22 -2.91
C LYS A 121 -36.33 6.40 -2.32
N ASP A 122 -36.66 7.63 -2.72
CA ASP A 122 -36.07 8.88 -2.20
C ASP A 122 -36.52 9.20 -0.78
N ALA A 123 -37.60 8.57 -0.30
CA ALA A 123 -37.95 8.62 1.16
C ALA A 123 -37.25 7.48 2.05
N ALA A 124 -36.96 6.33 1.44
CA ALA A 124 -36.20 5.25 2.06
C ALA A 124 -34.73 5.65 2.31
N LYS A 125 -34.16 6.25 1.24
CA LYS A 125 -32.94 7.00 1.24
C LYS A 125 -32.77 7.87 2.51
N LYS A 126 -33.63 8.90 2.68
CA LYS A 126 -33.50 9.92 3.78
C LYS A 126 -33.61 9.31 5.17
N ASP A 127 -34.63 8.46 5.33
CA ASP A 127 -34.94 7.76 6.54
C ASP A 127 -33.76 6.98 7.15
N GLY A 128 -32.81 6.53 6.33
CA GLY A 128 -31.52 5.93 6.86
C GLY A 128 -30.30 6.87 6.94
N GLN A 129 -30.53 8.19 6.73
CA GLN A 129 -29.49 9.23 6.88
C GLN A 129 -29.56 10.07 8.19
N VAL A 130 -28.38 10.51 8.63
CA VAL A 130 -28.12 11.38 9.77
C VAL A 130 -27.49 12.57 9.00
N ARG A 131 -28.05 13.77 9.23
CA ARG A 131 -27.65 15.04 8.56
C ARG A 131 -26.99 16.02 9.56
N GLN A 132 -25.78 16.54 9.28
CA GLN A 132 -25.06 17.45 10.16
C GLN A 132 -25.15 18.78 9.54
N SER A 133 -25.32 19.83 10.34
CA SER A 133 -24.88 21.12 10.08
C SER A 133 -24.20 21.94 11.15
N PRO A 134 -23.27 22.87 10.75
CA PRO A 134 -22.87 23.15 9.37
C PRO A 134 -21.75 22.14 8.96
N GLN A 135 -21.36 22.07 7.68
CA GLN A 135 -20.12 21.38 7.35
C GLN A 135 -18.85 21.97 7.95
N SER A 136 -18.78 23.31 8.05
CA SER A 136 -17.66 24.07 8.53
C SER A 136 -18.15 25.10 9.51
N LEU A 137 -17.53 25.18 10.68
CA LEU A 137 -17.86 26.14 11.78
C LEU A 137 -16.58 26.77 12.28
N THR A 138 -16.52 28.07 12.22
CA THR A 138 -15.39 28.87 12.76
C THR A 138 -15.87 29.77 13.87
N VAL A 139 -15.32 29.59 15.09
CA VAL A 139 -15.64 30.46 16.25
C VAL A 139 -14.35 31.08 16.81
N TRP A 140 -14.40 32.20 17.48
CA TRP A 140 -13.23 32.64 18.34
C TRP A 140 -13.25 31.90 19.68
N GLU A 141 -12.11 31.75 20.31
CA GLU A 141 -11.94 31.03 21.59
C GLU A 141 -12.81 31.69 22.64
N GLY A 142 -13.46 30.95 23.56
CA GLY A 142 -14.46 31.51 24.48
C GLY A 142 -15.85 31.47 23.87
N GLU A 143 -16.06 31.41 22.55
CA GLU A 143 -17.46 31.30 22.13
C GLU A 143 -17.85 29.84 22.51
N THR A 144 -19.17 29.65 22.58
CA THR A 144 -19.84 28.35 22.56
C THR A 144 -20.07 27.95 21.10
N ALA A 145 -19.39 26.89 20.70
CA ALA A 145 -19.58 26.30 19.41
C ALA A 145 -20.80 25.30 19.50
N ILE A 146 -21.74 25.42 18.55
CA ILE A 146 -22.93 24.65 18.56
C ILE A 146 -23.02 23.87 17.25
N LEU A 147 -23.06 22.55 17.36
CA LEU A 147 -23.10 21.67 16.21
C LEU A 147 -24.43 20.90 16.24
N ASN A 148 -25.06 20.71 15.08
CA ASN A 148 -26.40 20.15 15.00
C ASN A 148 -26.51 18.94 14.13
N CYS A 149 -27.47 18.11 14.48
CA CYS A 149 -27.65 16.83 13.83
C CYS A 149 -29.18 16.59 13.77
N SER A 150 -29.64 15.92 12.72
CA SER A 150 -31.01 15.63 12.61
C SER A 150 -31.11 14.26 11.98
N TYR A 151 -32.19 13.51 12.24
CA TYR A 151 -32.35 12.09 11.79
C TYR A 151 -33.86 11.91 11.42
N GLU A 152 -34.18 10.77 10.79
CA GLU A 152 -35.57 10.58 10.27
C GLU A 152 -36.19 9.31 10.82
N ASN A 153 -35.36 8.32 11.13
CA ASN A 153 -35.84 7.12 11.77
C ASN A 153 -36.21 7.29 13.26
N SER A 154 -37.45 6.99 13.61
CA SER A 154 -37.91 7.07 14.99
C SER A 154 -37.37 5.93 15.85
N ALA A 155 -36.91 4.87 15.22
CA ALA A 155 -36.32 3.80 16.00
C ALA A 155 -34.88 4.06 16.62
N PHE A 156 -34.04 4.95 16.01
CA PHE A 156 -32.78 5.45 16.64
C PHE A 156 -33.02 5.77 18.14
N ASP A 157 -32.25 5.15 19.03
CA ASP A 157 -32.43 5.53 20.44
C ASP A 157 -31.15 5.96 21.23
N TYR A 158 -29.98 5.59 20.69
CA TYR A 158 -28.67 5.94 21.24
C TYR A 158 -27.85 6.86 20.29
N PHE A 159 -27.32 7.95 20.84
CA PHE A 159 -26.74 9.02 19.96
C PHE A 159 -25.34 9.42 20.40
N PRO A 160 -24.33 8.65 19.97
CA PRO A 160 -22.99 9.05 20.32
C PRO A 160 -22.36 10.16 19.44
N TRP A 161 -21.55 11.07 20.05
CA TRP A 161 -20.77 11.99 19.20
C TRP A 161 -19.32 11.51 19.27
N TYR A 162 -18.61 11.58 18.12
CA TYR A 162 -17.15 11.35 17.99
C TYR A 162 -16.37 12.61 17.61
N GLN A 163 -15.18 12.73 18.16
CA GLN A 163 -14.26 13.81 17.99
C GLN A 163 -13.03 13.24 17.20
N GLN A 164 -12.62 13.81 16.04
CA GLN A 164 -11.50 13.26 15.27
C GLN A 164 -10.43 14.32 14.91
N PHE A 165 -9.21 14.12 15.42
CA PHE A 165 -8.09 15.05 15.19
C PHE A 165 -7.36 14.55 13.93
N PRO A 166 -6.70 15.48 13.17
CA PRO A 166 -6.02 15.19 11.93
C PRO A 166 -5.00 14.02 12.14
N GLY A 167 -4.92 13.08 11.20
CA GLY A 167 -4.15 11.88 11.32
C GLY A 167 -4.51 10.92 12.40
N GLU A 168 -5.78 10.91 12.85
CA GLU A 168 -6.23 10.00 13.95
C GLU A 168 -7.59 9.46 13.56
N GLY A 169 -8.07 8.44 14.26
CA GLY A 169 -9.40 7.83 14.05
C GLY A 169 -10.31 8.56 15.01
N PRO A 170 -11.63 8.52 14.72
CA PRO A 170 -12.59 9.21 15.65
C PRO A 170 -12.59 8.56 17.04
N ALA A 171 -12.82 9.33 18.10
CA ALA A 171 -12.84 8.79 19.45
C ALA A 171 -14.15 9.24 20.10
N LEU A 172 -14.85 8.42 20.88
CA LEU A 172 -16.09 8.86 21.46
C LEU A 172 -15.85 9.99 22.44
N LEU A 173 -16.69 11.01 22.26
CA LEU A 173 -16.67 12.26 23.02
C LEU A 173 -17.70 12.27 24.14
N ILE A 174 -18.97 12.17 23.73
CA ILE A 174 -20.15 12.29 24.61
C ILE A 174 -21.36 11.58 23.97
N SER A 175 -22.24 10.86 24.73
CA SER A 175 -23.49 10.25 24.14
C SER A 175 -24.78 10.48 24.93
N ILE A 176 -25.95 10.34 24.30
CA ILE A 176 -27.19 10.50 24.99
C ILE A 176 -28.11 9.36 24.58
N LEU A 177 -28.95 8.88 25.48
CA LEU A 177 -29.98 7.88 25.10
C LEU A 177 -31.21 8.71 24.89
N SER A 178 -32.11 8.32 23.98
CA SER A 178 -33.41 9.05 23.77
C SER A 178 -34.35 9.19 25.00
N VAL A 179 -34.15 8.42 26.05
CA VAL A 179 -34.90 8.66 27.25
C VAL A 179 -34.67 10.06 27.85
N SER A 180 -33.52 10.75 27.52
CA SER A 180 -33.26 12.13 28.11
C SER A 180 -33.32 13.22 27.14
N ASP A 181 -33.55 14.44 27.60
CA ASP A 181 -33.46 15.63 26.79
C ASP A 181 -32.09 16.43 26.86
N LYS A 182 -31.19 16.00 27.75
CA LYS A 182 -29.99 16.75 28.02
C LYS A 182 -28.83 15.95 28.61
N LYS A 183 -27.70 15.89 27.99
CA LYS A 183 -26.56 15.33 28.71
C LYS A 183 -25.41 16.35 28.80
N GLU A 184 -24.84 16.42 30.01
CA GLU A 184 -23.89 17.42 30.40
C GLU A 184 -22.65 16.67 31.03
N ASP A 185 -21.44 16.99 30.50
CA ASP A 185 -20.13 16.38 30.93
C ASP A 185 -19.10 17.45 30.69
N GLY A 186 -18.89 18.31 31.68
CA GLY A 186 -17.78 19.29 31.60
C GLY A 186 -18.22 20.41 30.72
N ARG A 187 -17.42 20.67 29.67
CA ARG A 187 -17.72 21.74 28.71
C ARG A 187 -18.74 21.35 27.62
N PHE A 188 -19.04 20.04 27.57
CA PHE A 188 -19.82 19.38 26.59
C PHE A 188 -21.25 19.15 27.00
N THR A 189 -22.22 19.72 26.24
CA THR A 189 -23.67 19.42 26.45
C THR A 189 -24.31 18.94 25.15
N ILE A 190 -24.97 17.79 25.19
CA ILE A 190 -26.07 17.41 24.21
C ILE A 190 -27.54 17.89 24.52
N PHE A 191 -28.25 18.54 23.65
CA PHE A 191 -29.64 18.84 23.81
C PHE A 191 -30.32 17.98 22.82
N PHE A 192 -31.33 17.26 23.24
CA PHE A 192 -31.94 16.23 22.39
C PHE A 192 -33.45 16.48 22.42
N ASN A 193 -33.98 16.77 21.23
CA ASN A 193 -35.39 17.00 20.95
C ASN A 193 -36.02 15.80 20.23
N LYS A 194 -36.61 14.91 20.98
CA LYS A 194 -37.12 13.70 20.37
C LYS A 194 -38.33 13.97 19.49
N ARG A 195 -39.17 14.95 19.81
CA ARG A 195 -40.30 15.17 18.96
C ARG A 195 -39.81 15.63 17.59
N GLU A 196 -38.75 16.47 17.57
CA GLU A 196 -38.30 17.10 16.29
C GLU A 196 -37.29 16.25 15.68
N LYS A 197 -36.81 15.22 16.39
CA LYS A 197 -35.71 14.36 15.96
C LYS A 197 -34.43 15.22 15.62
N LYS A 198 -33.98 16.01 16.59
CA LYS A 198 -32.98 17.02 16.37
C LYS A 198 -32.15 17.04 17.62
N LEU A 199 -30.81 17.08 17.43
CA LEU A 199 -29.84 17.05 18.58
C LEU A 199 -28.86 18.18 18.31
N SER A 200 -28.26 18.68 19.34
CA SER A 200 -27.32 19.78 19.30
C SER A 200 -26.18 19.39 20.30
N LEU A 201 -24.94 19.71 19.92
CA LEU A 201 -23.81 19.55 20.81
C LEU A 201 -23.27 21.00 21.04
N HIS A 202 -23.25 21.46 22.32
CA HIS A 202 -22.72 22.82 22.71
C HIS A 202 -21.36 22.53 23.40
N ILE A 203 -20.29 23.16 22.88
CA ILE A 203 -18.93 23.18 23.49
C ILE A 203 -18.79 24.59 24.03
N ALA A 204 -18.83 24.69 25.32
CA ALA A 204 -18.73 25.94 26.04
C ALA A 204 -17.29 26.30 26.17
N ASP A 205 -17.04 27.58 26.33
CA ASP A 205 -15.75 28.05 26.53
C ASP A 205 -14.81 27.36 25.52
N SER A 206 -15.13 27.47 24.22
CA SER A 206 -14.35 26.76 23.24
C SER A 206 -12.80 27.12 23.29
N GLN A 207 -11.92 26.12 23.09
CA GLN A 207 -10.45 26.28 22.98
C GLN A 207 -9.92 25.85 21.62
N PRO A 208 -8.77 26.43 21.22
CA PRO A 208 -8.19 26.02 19.93
C PRO A 208 -7.98 24.55 19.81
N GLY A 209 -7.80 23.90 20.93
CA GLY A 209 -7.42 22.47 20.93
C GLY A 209 -8.68 21.65 20.75
N ASP A 210 -9.89 22.27 20.71
CA ASP A 210 -11.10 21.54 20.34
C ASP A 210 -11.35 21.47 18.81
N SER A 211 -10.63 22.27 18.04
CA SER A 211 -10.59 22.09 16.57
C SER A 211 -10.40 20.62 16.13
N ALA A 212 -11.37 20.17 15.38
CA ALA A 212 -11.43 18.73 15.05
C ALA A 212 -12.68 18.62 14.15
N THR A 213 -12.84 17.43 13.59
CA THR A 213 -14.02 16.97 12.90
C THR A 213 -14.95 16.23 13.91
N TYR A 214 -16.23 16.66 14.00
CA TYR A 214 -17.13 16.08 14.93
C TYR A 214 -18.16 15.27 14.13
N PHE A 215 -18.38 14.01 14.57
CA PHE A 215 -19.36 13.16 13.87
C PHE A 215 -20.46 12.87 14.90
N CYS A 216 -21.70 12.92 14.46
CA CYS A 216 -22.85 12.48 15.17
C CYS A 216 -23.27 11.15 14.50
N ALA A 217 -23.49 10.13 15.31
CA ALA A 217 -24.06 8.88 14.83
C ALA A 217 -25.46 8.60 15.50
N ALA A 218 -26.19 7.68 14.96
CA ALA A 218 -27.52 7.30 15.42
C ALA A 218 -27.49 5.80 15.31
N ILE A 219 -27.73 5.10 16.41
CA ILE A 219 -27.59 3.67 16.55
C ILE A 219 -28.98 3.16 16.94
N ASP A 220 -29.54 2.20 16.22
CA ASP A 220 -30.76 1.39 16.64
C ASP A 220 -30.27 0.35 17.71
N THR A 221 -30.57 0.55 19.00
CA THR A 221 -29.90 -0.32 20.03
C THR A 221 -30.38 -1.80 19.97
N ASN A 222 -31.51 -2.03 19.24
CA ASN A 222 -32.16 -3.33 18.96
C ASN A 222 -31.81 -3.99 17.63
N ALA A 223 -31.92 -3.22 16.53
CA ALA A 223 -31.57 -3.68 15.18
C ALA A 223 -30.08 -3.68 14.89
N TYR A 224 -29.25 -3.15 15.81
CA TYR A 224 -27.79 -3.28 15.77
C TYR A 224 -27.15 -2.86 14.40
N LYS A 225 -27.23 -1.54 14.14
CA LYS A 225 -26.74 -0.82 12.94
C LYS A 225 -26.30 0.65 13.26
N VAL A 226 -25.19 1.13 12.65
CA VAL A 226 -24.62 2.42 13.06
C VAL A 226 -24.69 3.35 11.91
N ILE A 227 -25.35 4.50 12.06
CA ILE A 227 -25.46 5.47 11.01
C ILE A 227 -24.68 6.77 11.41
N PHE A 228 -23.76 7.22 10.56
CA PHE A 228 -22.89 8.41 10.74
C PHE A 228 -23.38 9.65 9.95
N GLY A 229 -23.38 10.83 10.54
CA GLY A 229 -23.46 12.06 9.82
C GLY A 229 -22.17 12.26 9.02
N LYS A 230 -22.14 13.20 8.07
CA LYS A 230 -20.93 13.42 7.27
C LYS A 230 -19.90 14.27 8.02
N GLY A 231 -20.24 14.79 9.24
CA GLY A 231 -19.31 15.60 9.96
C GLY A 231 -19.32 17.10 9.82
N THR A 232 -18.84 17.74 10.89
CA THR A 232 -18.66 19.18 11.00
C THR A 232 -17.25 19.43 11.31
N HIS A 233 -16.57 20.20 10.46
CA HIS A 233 -15.22 20.75 10.79
C HIS A 233 -15.25 21.98 11.63
N LEU A 234 -14.74 21.87 12.88
CA LEU A 234 -14.75 22.97 13.86
C LEU A 234 -13.41 23.62 13.95
N HIS A 235 -13.38 24.97 13.87
CA HIS A 235 -12.15 25.72 14.00
C HIS A 235 -12.32 26.74 15.11
N VAL A 236 -11.53 26.57 16.17
CA VAL A 236 -11.54 27.47 17.29
C VAL A 236 -10.27 28.37 17.27
N LEU A 237 -10.48 29.67 17.04
CA LEU A 237 -9.40 30.67 16.69
C LEU A 237 -8.97 31.47 17.94
N PRO A 238 -7.67 31.51 18.27
CA PRO A 238 -7.16 32.33 19.33
C PRO A 238 -7.32 33.89 19.04
N ALA B 2 -5.35 -1.27 21.34
CA ALA B 2 -6.74 -1.84 21.37
C ALA B 2 -7.44 -2.07 20.05
N VAL B 3 -7.41 -1.09 19.12
CA VAL B 3 -7.58 -1.40 17.74
C VAL B 3 -6.35 -0.91 16.99
N THR B 4 -5.60 -1.80 16.36
CA THR B 4 -4.31 -1.48 15.68
C THR B 4 -4.50 -2.00 14.26
N GLN B 5 -4.33 -1.18 13.30
CA GLN B 5 -3.95 -1.41 11.96
C GLN B 5 -2.56 -1.43 11.50
N SER B 6 -2.38 -2.14 10.36
CA SER B 6 -1.08 -2.48 9.77
C SER B 6 -1.36 -2.82 8.24
N PRO B 7 -0.62 -2.17 7.29
CA PRO B 7 0.37 -0.99 7.61
C PRO B 7 -0.36 0.26 7.91
N ARG B 8 0.35 1.27 8.29
CA ARG B 8 -0.23 2.61 8.55
C ARG B 8 -0.21 3.52 7.27
N ASN B 9 0.73 3.24 6.36
CA ASN B 9 0.82 3.96 5.03
C ASN B 9 1.20 2.95 4.01
N LYS B 10 0.60 3.07 2.86
CA LYS B 10 0.80 2.07 1.80
C LYS B 10 0.68 2.82 0.51
N VAL B 11 1.54 2.46 -0.45
CA VAL B 11 1.47 2.98 -1.84
C VAL B 11 1.42 1.71 -2.72
N ALA B 12 0.53 1.67 -3.69
CA ALA B 12 0.48 0.55 -4.53
C ALA B 12 0.23 1.02 -5.99
N VAL B 13 0.22 0.09 -6.93
CA VAL B 13 0.19 0.40 -8.36
C VAL B 13 -1.20 -0.11 -8.85
N THR B 14 -1.84 0.58 -9.79
CA THR B 14 -3.12 0.04 -10.30
C THR B 14 -3.09 -1.50 -10.58
N GLY B 15 -2.05 -2.09 -11.13
CA GLY B 15 -2.34 -3.56 -11.11
C GLY B 15 -2.72 -4.31 -9.78
N GLY B 16 -2.00 -3.98 -8.69
CA GLY B 16 -1.65 -4.85 -7.62
C GLY B 16 -2.69 -5.30 -6.60
N LYS B 17 -2.20 -5.92 -5.55
CA LYS B 17 -2.99 -6.52 -4.50
C LYS B 17 -2.58 -5.92 -3.16
N VAL B 18 -3.55 -5.51 -2.40
CA VAL B 18 -3.26 -4.89 -1.08
C VAL B 18 -4.02 -5.63 0.01
N THR B 19 -3.38 -5.91 1.12
CA THR B 19 -4.11 -6.39 2.26
C THR B 19 -3.88 -5.44 3.46
N LEU B 20 -4.99 -4.97 4.09
CA LEU B 20 -4.98 -4.13 5.33
C LEU B 20 -5.30 -5.03 6.50
N SER B 21 -4.52 -4.94 7.58
CA SER B 21 -4.80 -5.87 8.72
C SER B 21 -5.31 -5.03 9.91
N CYS B 22 -6.21 -5.62 10.65
CA CYS B 22 -6.63 -4.96 11.90
C CYS B 22 -6.60 -5.97 13.05
N ASN B 23 -6.02 -5.56 14.17
CA ASN B 23 -5.98 -6.42 15.33
C ASN B 23 -6.62 -5.75 16.46
N GLN B 24 -7.58 -6.37 17.15
CA GLN B 24 -8.14 -5.72 18.33
C GLN B 24 -7.86 -6.49 19.64
N THR B 25 -7.84 -5.76 20.75
CA THR B 25 -7.68 -6.41 22.05
C THR B 25 -8.94 -6.30 22.94
N ASN B 26 -10.02 -5.68 22.44
CA ASN B 26 -11.20 -5.42 23.26
C ASN B 26 -12.04 -6.68 23.58
N ASN B 27 -11.64 -7.81 23.02
CA ASN B 27 -12.52 -9.01 23.04
C ASN B 27 -13.97 -8.73 22.52
N HIS B 28 -14.10 -7.97 21.45
CA HIS B 28 -15.39 -7.53 20.89
C HIS B 28 -15.76 -8.45 19.76
N ASN B 29 -17.05 -8.66 19.50
CA ASN B 29 -17.51 -9.63 18.52
C ASN B 29 -17.61 -9.04 17.13
N ASN B 30 -18.10 -7.80 16.99
CA ASN B 30 -18.18 -7.00 15.77
C ASN B 30 -16.90 -6.16 15.41
N MET B 31 -16.55 -6.21 14.16
CA MET B 31 -15.45 -5.48 13.60
C MET B 31 -16.02 -4.92 12.27
N TYR B 32 -15.44 -3.80 11.84
CA TYR B 32 -15.88 -2.96 10.72
C TYR B 32 -14.65 -2.37 9.98
N TRP B 33 -14.76 -2.25 8.66
CA TRP B 33 -13.86 -1.54 7.79
C TRP B 33 -14.60 -0.42 7.08
N TYR B 34 -14.15 0.78 7.31
CA TYR B 34 -14.65 1.98 6.70
C TYR B 34 -13.56 2.65 5.86
N ARG B 35 -14.00 3.49 4.93
CA ARG B 35 -13.04 4.41 4.38
C ARG B 35 -13.54 5.86 4.65
N GLN B 36 -12.62 6.84 4.60
CA GLN B 36 -12.97 8.17 4.83
C GLN B 36 -12.64 8.98 3.62
N ASP B 37 -13.65 9.63 2.99
CA ASP B 37 -13.40 10.49 1.84
C ASP B 37 -14.13 11.79 1.94
N THR B 38 -13.47 12.82 1.39
CA THR B 38 -14.02 14.20 1.25
C THR B 38 -15.45 14.21 0.69
N GLY B 39 -16.40 14.77 1.41
CA GLY B 39 -17.74 14.61 0.80
C GLY B 39 -18.58 13.36 1.10
N HIS B 40 -17.92 12.27 1.48
CA HIS B 40 -18.64 11.02 1.75
C HIS B 40 -18.70 10.67 3.27
N GLY B 41 -17.92 11.37 4.13
CA GLY B 41 -17.73 11.00 5.46
C GLY B 41 -17.10 9.63 5.53
N LEU B 42 -17.61 8.85 6.47
CA LEU B 42 -17.18 7.41 6.65
C LEU B 42 -18.12 6.46 5.96
N ARG B 43 -17.63 5.65 5.07
CA ARG B 43 -18.58 4.69 4.51
C ARG B 43 -18.15 3.30 4.84
N LEU B 44 -19.12 2.44 5.17
CA LEU B 44 -18.86 1.09 5.63
C LEU B 44 -18.68 0.20 4.45
N ILE B 45 -17.47 -0.43 4.39
CA ILE B 45 -17.17 -1.34 3.30
C ILE B 45 -17.61 -2.82 3.59
N HIS B 46 -17.20 -3.39 4.74
CA HIS B 46 -17.54 -4.74 5.07
C HIS B 46 -17.54 -4.70 6.55
N TYR B 47 -18.27 -5.66 7.13
CA TYR B 47 -18.22 -5.86 8.58
C TYR B 47 -18.35 -7.32 8.93
N SER B 48 -18.30 -7.59 10.24
CA SER B 48 -18.25 -8.96 10.76
C SER B 48 -18.88 -9.01 12.11
N TYR B 49 -19.83 -9.93 12.28
CA TYR B 49 -20.45 -10.04 13.61
C TYR B 49 -19.81 -11.16 14.51
N GLY B 50 -18.63 -11.75 14.16
CA GLY B 50 -17.96 -12.70 15.03
C GLY B 50 -16.91 -13.48 14.22
N ALA B 51 -16.04 -14.29 14.85
CA ALA B 51 -14.98 -15.06 14.18
C ALA B 51 -15.61 -15.93 13.05
N GLY B 52 -14.98 -16.06 11.87
CA GLY B 52 -15.61 -16.82 10.76
C GLY B 52 -16.73 -16.14 9.93
N SER B 53 -17.21 -14.97 10.34
CA SER B 53 -18.27 -14.23 9.66
C SER B 53 -17.74 -12.88 9.04
N THR B 54 -18.24 -12.59 7.85
CA THR B 54 -17.99 -11.39 7.03
C THR B 54 -19.37 -11.04 6.43
N GLU B 55 -19.70 -9.74 6.39
CA GLU B 55 -20.98 -9.18 5.87
C GLU B 55 -20.65 -7.96 5.02
N LYS B 56 -21.19 -7.81 3.80
CA LYS B 56 -20.81 -6.72 2.92
C LYS B 56 -21.47 -5.52 3.57
N GLY B 57 -20.82 -4.33 3.52
CA GLY B 57 -21.31 -3.12 4.08
C GLY B 57 -22.07 -2.36 3.01
N ASP B 58 -22.00 -1.01 3.02
CA ASP B 58 -22.80 -0.17 2.06
C ASP B 58 -22.03 -0.16 0.77
N ILE B 59 -20.68 -0.27 0.85
CA ILE B 59 -19.79 -0.11 -0.34
C ILE B 59 -18.75 -1.25 -0.59
N PRO B 60 -19.24 -2.47 -0.78
CA PRO B 60 -18.41 -3.61 -0.86
C PRO B 60 -17.66 -3.84 -2.15
N ASP B 61 -18.11 -3.27 -3.31
CA ASP B 61 -17.49 -3.65 -4.59
C ASP B 61 -16.00 -3.31 -4.73
N GLY B 62 -15.24 -4.32 -5.20
CA GLY B 62 -13.79 -4.23 -5.27
C GLY B 62 -12.92 -4.59 -4.00
N TYR B 63 -13.57 -4.98 -2.86
CA TYR B 63 -12.97 -5.37 -1.63
C TYR B 63 -13.57 -6.68 -1.21
N LYS B 64 -12.73 -7.46 -0.52
CA LYS B 64 -13.11 -8.61 0.23
C LYS B 64 -12.64 -8.46 1.68
N ALA B 65 -13.11 -9.32 2.57
CA ALA B 65 -12.80 -9.24 3.97
C ALA B 65 -12.64 -10.70 4.46
N SER B 66 -11.89 -10.87 5.53
CA SER B 66 -11.69 -12.21 6.17
C SER B 66 -11.59 -11.93 7.68
N ARG B 67 -12.41 -12.68 8.45
CA ARG B 67 -12.39 -12.73 9.87
C ARG B 67 -11.88 -14.11 10.39
N PRO B 68 -10.56 -14.36 10.36
CA PRO B 68 -10.05 -15.70 10.77
C PRO B 68 -10.12 -15.99 12.22
N SER B 69 -10.29 -14.98 13.06
CA SER B 69 -10.31 -15.15 14.48
C SER B 69 -10.98 -13.97 15.09
N GLN B 70 -11.10 -13.97 16.42
CA GLN B 70 -11.85 -12.93 17.12
C GLN B 70 -11.14 -11.56 16.96
N GLU B 71 -9.82 -11.64 16.97
CA GLU B 71 -8.92 -10.53 17.12
C GLU B 71 -8.62 -9.92 15.75
N ASN B 72 -8.71 -10.71 14.68
CA ASN B 72 -8.16 -10.27 13.46
C ASN B 72 -9.26 -10.15 12.39
N PHE B 73 -9.29 -9.02 11.67
CA PHE B 73 -10.19 -8.70 10.57
C PHE B 73 -9.37 -8.06 9.47
N SER B 74 -9.37 -8.67 8.28
CA SER B 74 -8.59 -8.28 7.15
C SER B 74 -9.47 -7.72 6.00
N LEU B 75 -8.86 -6.79 5.23
CA LEU B 75 -9.48 -6.10 4.10
C LEU B 75 -8.54 -6.34 2.92
N ILE B 76 -9.05 -6.91 1.84
CA ILE B 76 -8.21 -7.40 0.72
C ILE B 76 -8.73 -6.64 -0.49
N LEU B 77 -7.83 -5.96 -1.18
CA LEU B 77 -8.07 -5.30 -2.50
C LEU B 77 -7.31 -6.21 -3.49
N GLU B 78 -8.00 -7.15 -4.18
CA GLU B 78 -7.34 -7.98 -5.21
C GLU B 78 -6.79 -7.19 -6.40
N LEU B 79 -7.43 -6.11 -6.80
CA LEU B 79 -7.06 -5.40 -8.03
C LEU B 79 -7.25 -3.96 -7.78
N ALA B 80 -6.17 -3.35 -7.26
CA ALA B 80 -6.26 -2.05 -6.67
C ALA B 80 -6.53 -1.02 -7.80
N THR B 81 -7.60 -0.21 -7.68
CA THR B 81 -7.79 0.89 -8.62
C THR B 81 -7.42 2.19 -7.90
N PRO B 82 -7.12 3.27 -8.67
CA PRO B 82 -6.98 4.60 -8.03
C PRO B 82 -8.19 5.10 -7.26
N SER B 83 -9.38 4.61 -7.55
CA SER B 83 -10.54 4.99 -6.81
C SER B 83 -10.44 4.46 -5.35
N GLN B 84 -9.53 3.50 -5.07
CA GLN B 84 -9.36 2.92 -3.75
C GLN B 84 -8.35 3.72 -2.87
N THR B 85 -7.81 4.79 -3.42
CA THR B 85 -7.00 5.75 -2.64
C THR B 85 -7.87 6.45 -1.58
N SER B 86 -7.44 6.46 -0.31
CA SER B 86 -8.31 6.86 0.79
C SER B 86 -7.60 6.66 2.13
N VAL B 87 -8.27 7.03 3.27
CA VAL B 87 -7.87 6.61 4.61
C VAL B 87 -8.91 5.57 5.08
N TYR B 88 -8.41 4.38 5.49
CA TYR B 88 -9.23 3.26 5.86
C TYR B 88 -9.18 3.15 7.37
N PHE B 89 -10.35 2.99 8.03
CA PHE B 89 -10.48 2.83 9.50
C PHE B 89 -11.12 1.49 9.88
N CYS B 90 -10.47 0.74 10.78
CA CYS B 90 -11.05 -0.47 11.35
C CYS B 90 -11.68 0.01 12.69
N ALA B 91 -12.77 -0.63 13.14
CA ALA B 91 -13.48 -0.29 14.32
C ALA B 91 -13.89 -1.59 14.94
N SER B 92 -13.94 -1.66 16.29
CA SER B 92 -14.48 -2.85 16.91
C SER B 92 -15.71 -2.46 17.81
N GLY B 93 -16.66 -3.41 17.97
CA GLY B 93 -17.81 -3.02 18.79
C GLY B 93 -18.52 -4.13 19.48
N ASP B 94 -19.50 -3.72 20.26
CA ASP B 94 -20.59 -4.64 20.60
C ASP B 94 -21.97 -3.96 20.36
N ARG B 101 -21.54 0.88 21.04
CA ARG B 101 -20.20 1.28 21.52
C ARG B 101 -18.98 0.77 20.67
N LEU B 102 -18.35 1.74 19.99
CA LEU B 102 -17.53 1.52 18.78
C LEU B 102 -16.22 2.24 18.94
N PHE B 103 -15.08 1.52 18.78
CA PHE B 103 -13.70 1.97 18.87
C PHE B 103 -13.05 1.87 17.49
N PHE B 104 -12.21 2.90 17.15
CA PHE B 104 -11.54 3.03 15.85
C PHE B 104 -10.05 2.82 15.95
N GLY B 105 -9.43 2.25 14.93
CA GLY B 105 -8.00 2.43 14.80
C GLY B 105 -7.61 3.86 14.45
N HIS B 106 -6.36 4.07 14.15
CA HIS B 106 -5.68 5.33 13.92
C HIS B 106 -5.71 5.65 12.42
N GLY B 107 -6.05 4.67 11.58
CA GLY B 107 -6.16 4.84 10.13
C GLY B 107 -5.02 4.30 9.26
N THR B 108 -5.30 4.00 8.03
CA THR B 108 -4.25 3.51 7.17
C THR B 108 -4.38 4.31 5.86
N LYS B 109 -3.40 5.14 5.55
CA LYS B 109 -3.43 5.90 4.29
C LYS B 109 -2.97 5.00 3.15
N LEU B 110 -3.86 4.81 2.14
CA LEU B 110 -3.59 4.01 0.96
C LEU B 110 -3.56 4.93 -0.31
N SER B 111 -2.47 4.84 -1.05
CA SER B 111 -2.31 5.55 -2.29
C SER B 111 -2.22 4.55 -3.47
N VAL B 112 -3.19 4.55 -4.38
CA VAL B 112 -3.05 3.67 -5.52
C VAL B 112 -2.66 4.55 -6.77
N LEU B 113 -1.51 4.38 -7.37
CA LEU B 113 -1.12 5.14 -8.57
C LEU B 113 -1.78 4.41 -9.78
N GLY B 114 -2.43 5.02 -10.78
CA GLY B 114 -1.90 6.11 -11.54
C GLY B 114 -0.98 5.36 -12.55
N SER B 115 -1.59 4.62 -13.51
CA SER B 115 -0.81 4.15 -14.72
C SER B 115 -0.33 5.21 -15.81
N ALA B 116 0.37 4.72 -16.84
CA ALA B 116 0.67 5.46 -18.10
C ALA B 116 -0.59 5.90 -18.94
N ASP B 117 -1.50 4.97 -19.33
CA ASP B 117 -2.77 5.38 -20.01
C ASP B 117 -3.47 6.54 -19.25
N ASP B 118 -3.88 6.29 -17.97
CA ASP B 118 -4.34 7.30 -17.00
C ASP B 118 -3.70 8.74 -17.08
N ALA B 119 -2.37 8.84 -16.82
CA ALA B 119 -1.73 10.14 -16.73
C ALA B 119 -1.85 10.82 -18.06
N LYS B 120 -1.82 10.03 -19.14
CA LYS B 120 -2.12 10.45 -20.53
C LYS B 120 -3.54 11.05 -20.70
N LYS B 121 -4.57 10.22 -20.68
CA LYS B 121 -5.99 10.63 -20.52
C LYS B 121 -6.24 11.89 -19.61
N ASP B 122 -5.59 11.96 -18.46
CA ASP B 122 -5.78 13.02 -17.47
C ASP B 122 -5.19 14.38 -17.87
N ALA B 123 -4.00 14.39 -18.48
CA ALA B 123 -3.44 15.60 -19.24
C ALA B 123 -4.24 16.08 -20.52
N ALA B 124 -4.85 15.12 -21.23
CA ALA B 124 -5.75 15.36 -22.37
C ALA B 124 -7.06 16.11 -21.97
N LYS B 125 -7.63 15.74 -20.82
CA LYS B 125 -8.80 16.39 -20.32
C LYS B 125 -8.52 17.85 -19.84
N LYS B 126 -7.46 18.09 -19.04
CA LYS B 126 -7.05 19.49 -18.58
C LYS B 126 -6.82 20.43 -19.73
N ASP B 127 -6.08 19.95 -20.73
CA ASP B 127 -5.73 20.65 -21.94
C ASP B 127 -6.89 21.23 -22.68
N GLY B 128 -8.03 20.57 -22.75
CA GLY B 128 -9.30 21.18 -23.30
C GLY B 128 -10.15 22.03 -22.29
N GLN B 129 -9.63 22.27 -21.07
CA GLN B 129 -10.34 22.96 -20.00
C GLN B 129 -9.83 24.40 -19.73
N VAL B 130 -10.80 25.25 -19.39
CA VAL B 130 -10.63 26.65 -19.03
C VAL B 130 -11.07 26.59 -17.56
N ARG B 131 -10.23 27.20 -16.70
CA ARG B 131 -10.37 27.22 -15.19
C ARG B 131 -10.53 28.63 -14.61
N GLN B 132 -11.55 28.89 -13.80
CA GLN B 132 -11.83 30.14 -13.23
C GLN B 132 -11.73 30.12 -11.72
N SER B 133 -11.27 31.25 -11.17
CA SER B 133 -11.12 31.34 -9.81
C SER B 133 -11.53 32.78 -9.40
N PRO B 134 -12.24 33.03 -8.25
CA PRO B 134 -12.80 31.97 -7.38
C PRO B 134 -14.20 31.68 -7.83
N GLN B 135 -14.79 30.61 -7.29
CA GLN B 135 -16.18 30.33 -7.66
C GLN B 135 -17.14 31.46 -7.27
N SER B 136 -16.87 32.12 -6.12
CA SER B 136 -17.68 33.15 -5.48
C SER B 136 -16.74 34.30 -5.08
N LEU B 137 -17.08 35.51 -5.44
CA LEU B 137 -16.29 36.72 -5.04
C LEU B 137 -17.28 37.75 -4.53
N THR B 138 -17.10 38.16 -3.29
CA THR B 138 -17.87 39.27 -2.62
C THR B 138 -16.97 40.49 -2.35
N VAL B 139 -17.35 41.65 -2.89
CA VAL B 139 -16.62 42.90 -2.68
C VAL B 139 -17.62 44.01 -2.25
N TRP B 140 -17.16 45.10 -1.69
CA TRP B 140 -18.06 46.27 -1.36
C TRP B 140 -17.99 47.13 -2.56
N GLU B 141 -19.00 47.97 -2.81
CA GLU B 141 -19.10 48.79 -3.97
C GLU B 141 -18.00 49.79 -3.96
N GLY B 142 -17.38 50.03 -5.13
CA GLY B 142 -16.18 50.87 -5.16
C GLY B 142 -14.95 50.00 -5.13
N GLU B 143 -14.95 48.76 -4.68
CA GLU B 143 -13.70 47.99 -4.73
C GLU B 143 -13.48 47.64 -6.22
N THR B 144 -12.28 47.16 -6.55
CA THR B 144 -12.05 46.64 -7.92
C THR B 144 -12.18 45.11 -7.73
N ALA B 145 -13.15 44.50 -8.42
CA ALA B 145 -13.37 43.07 -8.49
C ALA B 145 -12.43 42.48 -9.57
N ILE B 146 -11.58 41.55 -9.12
CA ILE B 146 -10.67 40.83 -10.00
C ILE B 146 -11.10 39.37 -10.18
N LEU B 147 -11.37 38.94 -11.41
CA LEU B 147 -11.80 37.54 -11.72
C LEU B 147 -10.72 36.97 -12.63
N ASN B 148 -10.35 35.68 -12.43
CA ASN B 148 -9.16 35.09 -13.01
C ASN B 148 -9.50 33.87 -13.81
N CYS B 149 -8.70 33.64 -14.85
CA CYS B 149 -8.95 32.53 -15.75
C CYS B 149 -7.62 32.01 -16.23
N SER B 150 -7.61 30.74 -16.60
CA SER B 150 -6.43 30.11 -17.04
C SER B 150 -6.76 28.93 -17.95
N TYR B 151 -5.87 28.57 -18.86
CA TYR B 151 -6.12 27.62 -19.94
C TYR B 151 -4.78 26.85 -20.19
N GLU B 152 -4.84 25.78 -20.95
CA GLU B 152 -3.61 24.94 -21.18
C GLU B 152 -3.24 24.76 -22.66
N ASN B 153 -4.21 24.89 -23.55
CA ASN B 153 -3.98 24.85 -24.99
C ASN B 153 -3.39 26.18 -25.50
N SER B 154 -2.20 26.13 -26.14
CA SER B 154 -1.55 27.32 -26.81
C SER B 154 -2.30 27.75 -28.05
N ALA B 155 -3.15 26.90 -28.57
CA ALA B 155 -3.88 27.28 -29.79
C ALA B 155 -5.02 28.31 -29.63
N PHE B 156 -5.63 28.37 -28.42
CA PHE B 156 -6.66 29.36 -28.05
C PHE B 156 -6.10 30.75 -28.32
N ASP B 157 -6.81 31.54 -29.12
CA ASP B 157 -6.30 32.91 -29.37
C ASP B 157 -7.34 34.05 -29.18
N TYR B 158 -8.64 33.70 -29.08
CA TYR B 158 -9.72 34.66 -28.84
C TYR B 158 -10.46 34.37 -27.48
N PHE B 159 -10.53 35.37 -26.61
CA PHE B 159 -10.97 35.15 -25.19
C PHE B 159 -12.07 36.10 -24.85
N PRO B 160 -13.30 35.69 -25.18
CA PRO B 160 -14.39 36.54 -24.70
C PRO B 160 -14.84 36.31 -23.25
N TRP B 161 -15.25 37.41 -22.55
CA TRP B 161 -16.02 37.28 -21.30
C TRP B 161 -17.52 37.52 -21.52
N TYR B 162 -18.34 36.75 -20.80
CA TYR B 162 -19.82 36.86 -20.72
C TYR B 162 -20.27 37.17 -19.28
N GLN B 163 -21.30 37.95 -19.18
CA GLN B 163 -21.89 38.39 -18.03
C GLN B 163 -23.35 37.81 -18.01
N GLN B 164 -23.76 37.14 -16.92
CA GLN B 164 -25.10 36.56 -16.88
C GLN B 164 -25.89 36.90 -15.60
N PHE B 165 -26.98 37.62 -15.76
CA PHE B 165 -27.92 38.02 -14.68
C PHE B 165 -28.96 36.92 -14.55
N PRO B 166 -29.56 36.78 -13.33
CA PRO B 166 -30.43 35.70 -12.90
C PRO B 166 -31.59 35.67 -13.85
N GLY B 167 -32.01 34.48 -14.29
CA GLY B 167 -33.14 34.38 -15.19
C GLY B 167 -32.92 34.92 -16.55
N GLU B 168 -31.66 35.11 -16.94
CA GLU B 168 -31.29 35.45 -18.33
C GLU B 168 -30.14 34.56 -18.86
N GLY B 169 -29.88 34.63 -20.16
CA GLY B 169 -28.71 34.04 -20.82
C GLY B 169 -27.47 34.91 -20.72
N PRO B 170 -26.28 34.29 -20.88
CA PRO B 170 -25.03 35.09 -20.88
C PRO B 170 -24.97 36.05 -22.09
N ALA B 171 -24.37 37.22 -21.90
CA ALA B 171 -24.28 38.19 -22.91
C ALA B 171 -22.82 38.58 -22.96
N LEU B 172 -22.22 38.76 -24.15
CA LEU B 172 -20.87 39.20 -24.21
C LEU B 172 -20.59 40.57 -23.55
N LEU B 173 -19.52 40.58 -22.76
CA LEU B 173 -19.08 41.74 -22.01
C LEU B 173 -17.98 42.53 -22.67
N ILE B 174 -16.84 41.85 -22.94
CA ILE B 174 -15.54 42.39 -23.32
C ILE B 174 -14.77 41.19 -23.82
N SER B 175 -13.89 41.29 -24.83
CA SER B 175 -13.03 40.19 -25.32
C SER B 175 -11.60 40.67 -25.65
N ILE B 176 -10.61 39.78 -25.66
CA ILE B 176 -9.29 40.10 -26.08
C ILE B 176 -8.76 39.04 -27.12
N LEU B 177 -7.94 39.48 -28.07
CA LEU B 177 -7.29 38.52 -28.99
C LEU B 177 -5.96 38.26 -28.38
N SER B 178 -5.42 37.06 -28.53
CA SER B 178 -4.04 36.80 -28.03
C SER B 178 -2.90 37.68 -28.62
N VAL B 179 -3.15 38.48 -29.65
CA VAL B 179 -2.13 39.42 -30.04
C VAL B 179 -1.86 40.50 -29.01
N SER B 180 -2.80 40.65 -28.08
CA SER B 180 -2.73 41.84 -27.16
C SER B 180 -2.48 41.49 -25.69
N ASP B 181 -1.96 42.38 -24.86
CA ASP B 181 -1.77 42.02 -23.48
C ASP B 181 -2.75 42.76 -22.47
N LYS B 182 -3.61 43.61 -23.03
CA LYS B 182 -4.49 44.49 -22.27
C LYS B 182 -5.65 44.97 -23.09
N LYS B 183 -6.88 44.76 -22.66
CA LYS B 183 -7.99 45.48 -23.31
C LYS B 183 -8.80 46.20 -22.27
N GLU B 184 -9.04 47.46 -22.61
CA GLU B 184 -9.68 48.41 -21.73
C GLU B 184 -10.93 48.97 -22.43
N ASP B 185 -12.08 48.90 -21.72
CA ASP B 185 -13.38 49.41 -22.20
C ASP B 185 -14.19 49.87 -21.02
N GLY B 186 -14.10 51.16 -20.68
CA GLY B 186 -14.91 51.72 -19.59
C GLY B 186 -14.32 51.30 -18.30
N ARG B 187 -15.17 50.69 -17.46
CA ARG B 187 -14.76 50.13 -16.13
C ARG B 187 -14.08 48.76 -16.14
N PHE B 188 -14.17 48.13 -17.31
CA PHE B 188 -13.76 46.78 -17.62
C PHE B 188 -12.40 46.65 -18.28
N THR B 189 -11.45 46.01 -17.59
CA THR B 189 -10.09 45.72 -18.21
C THR B 189 -9.80 44.24 -18.20
N ILE B 190 -9.46 43.69 -19.34
CA ILE B 190 -8.69 42.39 -19.44
C ILE B 190 -7.12 42.49 -19.48
N PHE B 191 -6.41 41.79 -18.65
CA PHE B 191 -4.96 41.71 -18.62
C PHE B 191 -4.70 40.29 -19.00
N PHE B 192 -3.88 40.04 -20.00
CA PHE B 192 -3.75 38.72 -20.61
C PHE B 192 -2.25 38.45 -20.69
N ASN B 193 -1.83 37.36 -20.05
CA ASN B 193 -0.44 36.84 -19.97
C ASN B 193 -0.29 35.59 -20.84
N LYS B 194 0.19 35.80 -22.03
CA LYS B 194 0.34 34.68 -22.92
C LYS B 194 1.38 33.73 -22.50
N ARG B 195 2.50 34.20 -21.93
CA ARG B 195 3.54 33.24 -21.55
C ARG B 195 2.95 32.25 -20.55
N GLU B 196 2.18 32.80 -19.58
CA GLU B 196 1.71 32.06 -18.41
C GLU B 196 0.42 31.48 -18.73
N LYS B 197 -0.28 31.92 -19.78
CA LYS B 197 -1.64 31.38 -20.12
C LYS B 197 -2.70 31.74 -19.03
N LYS B 198 -2.71 33.01 -18.63
CA LYS B 198 -3.54 33.48 -17.51
C LYS B 198 -4.11 34.76 -17.93
N LEU B 199 -5.33 35.04 -17.51
CA LEU B 199 -6.11 36.17 -18.06
C LEU B 199 -6.89 36.68 -16.81
N SER B 200 -7.05 38.00 -16.65
CA SER B 200 -7.75 38.58 -15.54
C SER B 200 -8.79 39.56 -16.14
N LEU B 201 -9.99 39.58 -15.55
CA LEU B 201 -10.93 40.61 -15.76
C LEU B 201 -10.99 41.52 -14.45
N HIS B 202 -10.73 42.87 -14.63
CA HIS B 202 -10.83 43.91 -13.55
C HIS B 202 -12.04 44.77 -13.83
N ILE B 203 -12.96 44.81 -12.82
CA ILE B 203 -14.15 45.67 -12.77
C ILE B 203 -13.85 46.74 -11.78
N ALA B 204 -13.53 47.91 -12.30
CA ALA B 204 -13.15 49.04 -11.45
C ALA B 204 -14.41 49.67 -10.93
N ASP B 205 -14.30 50.34 -9.80
CA ASP B 205 -15.41 51.08 -9.28
C ASP B 205 -16.66 50.22 -9.36
N SER B 206 -16.57 49.03 -8.79
CA SER B 206 -17.64 48.07 -8.90
C SER B 206 -18.99 48.59 -8.29
N GLN B 207 -20.11 48.21 -8.91
CA GLN B 207 -21.40 48.55 -8.34
C GLN B 207 -22.33 47.39 -8.23
N PRO B 208 -23.31 47.51 -7.35
CA PRO B 208 -24.24 46.42 -7.09
C PRO B 208 -24.79 45.77 -8.31
N GLY B 209 -25.06 46.58 -9.33
CA GLY B 209 -25.63 46.05 -10.57
C GLY B 209 -24.63 45.30 -11.40
N ASP B 210 -23.37 45.23 -10.99
CA ASP B 210 -22.44 44.33 -11.64
C ASP B 210 -22.53 42.89 -11.11
N SER B 211 -23.31 42.66 -10.06
CA SER B 211 -23.53 41.31 -9.48
C SER B 211 -24.13 40.41 -10.54
N ALA B 212 -23.46 39.29 -10.75
CA ALA B 212 -23.78 38.42 -11.91
C ALA B 212 -22.76 37.25 -11.84
N THR B 213 -23.00 36.25 -12.70
CA THR B 213 -22.09 35.19 -13.02
C THR B 213 -21.30 35.61 -14.25
N TYR B 214 -19.96 35.49 -14.14
CA TYR B 214 -19.02 35.86 -15.20
C TYR B 214 -18.37 34.56 -15.73
N PHE B 215 -18.45 34.38 -17.10
CA PHE B 215 -17.86 33.21 -17.75
C PHE B 215 -16.68 33.75 -18.59
N CYS B 216 -15.57 33.09 -18.53
CA CYS B 216 -14.43 33.23 -19.40
C CYS B 216 -14.56 32.10 -20.42
N ALA B 217 -14.41 32.41 -21.70
CA ALA B 217 -14.28 31.32 -22.68
C ALA B 217 -12.98 31.39 -23.50
N ALA B 218 -12.58 30.30 -24.07
CA ALA B 218 -11.40 30.28 -24.97
C ALA B 218 -11.82 29.63 -26.26
N ILE B 219 -11.54 30.28 -27.39
CA ILE B 219 -12.02 29.91 -28.71
C ILE B 219 -10.73 29.76 -29.61
N ASP B 220 -10.57 28.62 -30.26
CA ASP B 220 -9.55 28.41 -31.33
C ASP B 220 -10.22 28.97 -32.60
N THR B 221 -9.82 30.17 -33.07
CA THR B 221 -10.52 30.75 -34.28
C THR B 221 -10.35 29.90 -35.56
N ASN B 222 -9.35 29.01 -35.55
CA ASN B 222 -9.03 28.10 -36.65
C ASN B 222 -9.79 26.80 -36.61
N ALA B 223 -9.71 26.13 -35.46
CA ALA B 223 -10.32 24.82 -35.21
C ALA B 223 -11.81 24.86 -34.78
N TYR B 224 -12.37 26.09 -34.64
CA TYR B 224 -13.79 26.39 -34.41
C TYR B 224 -14.45 25.60 -33.24
N LYS B 225 -13.97 25.79 -32.00
CA LYS B 225 -14.52 25.15 -30.71
C LYS B 225 -14.64 26.17 -29.59
N VAL B 226 -15.79 26.24 -28.87
CA VAL B 226 -15.90 27.15 -27.72
C VAL B 226 -15.75 26.39 -26.43
N ILE B 227 -14.69 26.71 -25.66
CA ILE B 227 -14.52 26.18 -24.35
C ILE B 227 -14.84 27.29 -23.29
N PHE B 228 -15.76 26.96 -22.38
CA PHE B 228 -16.27 27.79 -21.28
C PHE B 228 -15.65 27.44 -19.94
N GLY B 229 -15.28 28.44 -19.14
CA GLY B 229 -14.98 28.15 -17.74
C GLY B 229 -16.26 27.90 -16.97
N LYS B 230 -16.16 27.45 -15.72
CA LYS B 230 -17.41 27.07 -14.93
C LYS B 230 -18.09 28.29 -14.31
N GLY B 231 -17.42 29.48 -14.31
CA GLY B 231 -18.05 30.69 -13.82
C GLY B 231 -17.59 31.17 -12.45
N THR B 232 -17.72 32.48 -12.31
CA THR B 232 -17.48 33.19 -11.07
C THR B 232 -18.70 33.91 -10.75
N HIS B 233 -19.29 33.61 -9.59
CA HIS B 233 -20.41 34.45 -9.05
C HIS B 233 -19.90 35.66 -8.26
N LEU B 234 -20.18 36.85 -8.78
CA LEU B 234 -19.75 38.10 -8.21
C LEU B 234 -20.89 38.80 -7.40
N HIS B 235 -20.61 39.26 -6.17
CA HIS B 235 -21.59 39.96 -5.33
C HIS B 235 -20.97 41.28 -4.93
N VAL B 236 -21.56 42.36 -5.42
CA VAL B 236 -21.07 43.69 -5.12
C VAL B 236 -22.08 44.33 -4.13
N LEU B 237 -21.59 44.53 -2.89
CA LEU B 237 -22.42 44.90 -1.71
C LEU B 237 -22.46 46.44 -1.49
N PRO B 238 -23.65 47.06 -1.40
CA PRO B 238 -23.78 48.47 -1.10
C PRO B 238 -23.29 48.87 0.31
N ALA C 2 41.28 -34.57 22.23
CA ALA C 2 40.08 -35.29 22.86
C ALA C 2 38.88 -35.67 22.00
N VAL C 3 38.37 -34.81 21.12
CA VAL C 3 37.53 -35.32 20.04
C VAL C 3 38.10 -34.77 18.70
N THR C 4 38.84 -35.55 17.89
CA THR C 4 39.47 -35.04 16.62
C THR C 4 38.40 -35.45 15.61
N GLN C 5 38.13 -34.71 14.55
CA GLN C 5 37.66 -35.18 13.23
C GLN C 5 38.59 -35.26 12.10
N SER C 6 38.18 -35.86 11.00
CA SER C 6 39.04 -36.01 9.83
C SER C 6 38.21 -36.27 8.58
N PRO C 7 38.46 -35.56 7.48
CA PRO C 7 39.28 -34.33 7.36
C PRO C 7 38.56 -33.10 7.97
N ARG C 8 39.24 -31.96 8.03
CA ARG C 8 38.66 -30.71 8.45
C ARG C 8 37.97 -30.04 7.28
N ASN C 9 38.57 -30.16 6.09
CA ASN C 9 37.96 -29.64 4.81
C ASN C 9 37.90 -30.69 3.77
N LYS C 10 36.87 -30.65 2.96
CA LYS C 10 36.71 -31.70 2.04
C LYS C 10 35.80 -31.27 0.90
N VAL C 11 36.29 -31.47 -0.34
CA VAL C 11 35.45 -31.23 -1.56
C VAL C 11 35.30 -32.60 -2.21
N ALA C 12 34.08 -32.97 -2.65
CA ALA C 12 33.88 -34.26 -3.34
C ALA C 12 33.04 -33.94 -4.60
N VAL C 13 32.80 -34.89 -5.53
CA VAL C 13 31.89 -34.63 -6.67
C VAL C 13 30.50 -35.32 -6.53
N THR C 14 29.40 -34.74 -7.07
CA THR C 14 28.12 -35.50 -7.07
C THR C 14 28.31 -37.05 -7.39
N GLY C 15 27.80 -37.90 -6.47
CA GLY C 15 27.73 -39.36 -6.63
C GLY C 15 29.05 -40.00 -6.26
N GLY C 16 29.94 -39.15 -5.72
CA GLY C 16 31.13 -39.59 -5.01
C GLY C 16 30.78 -40.28 -3.68
N LYS C 17 31.80 -40.90 -3.12
CA LYS C 17 31.74 -41.65 -1.86
C LYS C 17 32.66 -40.90 -0.82
N VAL C 18 32.07 -40.45 0.30
CA VAL C 18 32.80 -39.74 1.41
C VAL C 18 32.70 -40.41 2.77
N THR C 19 33.76 -40.33 3.56
CA THR C 19 33.76 -40.86 4.90
C THR C 19 34.34 -39.84 5.84
N LEU C 20 33.56 -39.52 6.88
CA LEU C 20 34.01 -38.57 7.86
C LEU C 20 34.27 -39.30 9.14
N SER C 21 35.49 -39.11 9.66
CA SER C 21 35.97 -39.89 10.79
C SER C 21 36.00 -39.04 12.03
N CYS C 22 35.53 -39.55 13.14
CA CYS C 22 35.71 -38.94 14.42
C CYS C 22 36.50 -39.89 15.28
N ASN C 23 37.59 -39.39 15.88
CA ASN C 23 38.30 -40.10 16.96
C ASN C 23 38.14 -39.46 18.35
N GLN C 24 38.05 -40.27 19.40
CA GLN C 24 37.75 -39.67 20.63
C GLN C 24 38.68 -40.29 21.69
N THR C 25 39.32 -39.46 22.52
CA THR C 25 40.10 -40.00 23.65
C THR C 25 39.46 -39.97 25.03
N ASN C 26 38.15 -39.88 25.16
CA ASN C 26 37.60 -39.59 26.47
C ASN C 26 37.08 -40.83 27.20
N ASN C 27 37.12 -41.97 26.49
CA ASN C 27 36.51 -43.26 26.94
C ASN C 27 35.03 -43.09 27.24
N HIS C 28 34.37 -42.42 26.30
CA HIS C 28 32.97 -42.04 26.41
C HIS C 28 32.16 -43.12 25.70
N ASN C 29 30.92 -43.37 26.06
CA ASN C 29 30.20 -44.48 25.51
C ASN C 29 29.43 -44.00 24.33
N ASN C 30 28.79 -42.82 24.44
CA ASN C 30 27.97 -42.27 23.38
C ASN C 30 28.76 -41.36 22.48
N MET C 31 28.54 -41.59 21.20
CA MET C 31 28.98 -40.67 20.14
C MET C 31 27.81 -40.22 19.23
N TYR C 32 28.01 -39.12 18.47
CA TYR C 32 26.93 -38.36 17.76
C TYR C 32 27.54 -37.64 16.57
N TRP C 33 26.79 -37.54 15.51
CA TRP C 33 27.12 -36.77 14.29
C TRP C 33 25.96 -35.78 13.93
N TYR C 34 26.30 -34.50 13.79
CA TYR C 34 25.41 -33.41 13.41
C TYR C 34 25.94 -32.76 12.21
N ARG C 35 25.09 -31.96 11.59
CA ARG C 35 25.46 -31.02 10.48
C ARG C 35 24.88 -29.71 10.95
N GLN C 36 25.55 -28.62 10.60
CA GLN C 36 25.07 -27.30 10.95
C GLN C 36 24.79 -26.47 9.68
N ASP C 37 23.57 -25.99 9.52
CA ASP C 37 23.12 -25.22 8.31
C ASP C 37 22.36 -24.01 8.82
N THR C 38 22.59 -22.82 8.16
CA THR C 38 21.94 -21.52 8.53
C THR C 38 20.47 -21.71 8.40
N GLY C 39 19.75 -21.23 9.42
CA GLY C 39 18.31 -21.48 9.52
C GLY C 39 17.94 -22.82 10.14
N HIS C 40 18.93 -23.68 10.40
CA HIS C 40 18.61 -25.05 10.86
C HIS C 40 19.16 -25.44 12.24
N GLY C 41 20.26 -24.82 12.67
CA GLY C 41 20.88 -25.24 13.89
C GLY C 41 21.72 -26.46 13.58
N LEU C 42 22.04 -27.23 14.63
CA LEU C 42 22.63 -28.56 14.56
C LEU C 42 21.55 -29.62 14.47
N ARG C 43 21.54 -30.37 13.39
CA ARG C 43 20.61 -31.50 13.28
C ARG C 43 21.40 -32.79 13.46
N LEU C 44 20.77 -33.73 14.17
CA LEU C 44 21.31 -35.03 14.51
C LEU C 44 21.03 -35.97 13.41
N ILE C 45 22.12 -36.45 12.80
CA ILE C 45 22.10 -37.41 11.71
C ILE C 45 21.98 -38.89 12.23
N HIS C 46 23.05 -39.33 12.97
CA HIS C 46 23.26 -40.65 13.56
C HIS C 46 23.96 -40.55 14.92
N TYR C 47 23.82 -41.57 15.77
CA TYR C 47 24.55 -41.56 17.03
C TYR C 47 24.76 -43.03 17.45
N SER C 48 25.28 -43.23 18.67
CA SER C 48 25.59 -44.58 19.08
C SER C 48 25.77 -44.64 20.59
N TYR C 49 25.25 -45.69 21.23
CA TYR C 49 25.38 -45.85 22.66
C TYR C 49 26.62 -46.68 23.03
N GLY C 50 27.23 -47.40 22.10
CA GLY C 50 28.53 -48.05 22.39
C GLY C 50 29.08 -48.69 21.15
N ALA C 51 30.31 -49.24 21.20
CA ALA C 51 30.91 -50.05 20.18
C ALA C 51 30.02 -51.17 19.69
N GLY C 52 30.00 -51.33 18.35
CA GLY C 52 29.27 -52.36 17.66
C GLY C 52 27.86 -51.89 17.18
N SER C 53 27.34 -50.76 17.65
CA SER C 53 26.04 -50.34 17.19
C SER C 53 25.84 -48.81 16.97
N THR C 54 24.77 -48.49 16.22
CA THR C 54 24.36 -47.17 15.78
C THR C 54 22.84 -46.98 15.85
N GLU C 55 22.38 -45.72 16.01
CA GLU C 55 20.95 -45.36 16.01
C GLU C 55 20.74 -44.23 15.03
N LYS C 56 19.60 -44.26 14.33
CA LYS C 56 19.11 -43.18 13.46
C LYS C 56 18.78 -42.00 14.33
N GLY C 57 19.18 -40.81 13.87
CA GLY C 57 18.84 -39.57 14.57
C GLY C 57 17.64 -38.93 13.93
N ASP C 58 17.70 -37.64 13.79
CA ASP C 58 16.50 -36.93 13.26
C ASP C 58 16.47 -36.94 11.76
N ILE C 59 17.63 -36.91 11.12
CA ILE C 59 17.70 -36.76 9.68
C ILE C 59 18.75 -37.77 9.08
N PRO C 60 18.47 -39.10 9.23
CA PRO C 60 19.45 -40.14 8.75
C PRO C 60 19.60 -40.21 7.26
N ASP C 61 18.59 -39.81 6.47
CA ASP C 61 18.63 -40.17 5.04
C ASP C 61 19.82 -39.67 4.25
N GLY C 62 20.32 -40.53 3.36
CA GLY C 62 21.52 -40.31 2.60
C GLY C 62 22.79 -40.55 3.41
N TYR C 63 22.64 -40.94 4.71
CA TYR C 63 23.80 -41.16 5.58
C TYR C 63 23.78 -42.54 6.23
N LYS C 64 24.97 -43.15 6.39
CA LYS C 64 25.16 -44.31 7.26
C LYS C 64 26.17 -43.99 8.35
N ALA C 65 26.27 -44.82 9.37
CA ALA C 65 27.31 -44.63 10.40
C ALA C 65 27.87 -45.97 10.85
N SER C 66 29.06 -45.94 11.44
CA SER C 66 29.70 -47.13 11.89
C SER C 66 30.47 -46.87 13.22
N ARG C 67 30.15 -47.61 14.29
CA ARG C 67 30.85 -47.53 15.57
C ARG C 67 31.70 -48.81 15.77
N PRO C 68 32.84 -48.92 15.05
CA PRO C 68 33.61 -50.17 15.25
C PRO C 68 34.36 -50.29 16.55
N SER C 69 34.51 -49.21 17.34
CA SER C 69 35.25 -49.27 18.60
C SER C 69 34.73 -48.18 19.49
N GLN C 70 34.96 -48.25 20.81
CA GLN C 70 34.70 -47.17 21.73
C GLN C 70 35.13 -45.77 21.17
N GLU C 71 36.36 -45.67 20.58
CA GLU C 71 37.04 -44.45 20.11
C GLU C 71 36.55 -43.83 18.79
N ASN C 72 36.04 -44.62 17.84
CA ASN C 72 35.84 -44.25 16.50
C ASN C 72 34.38 -44.33 16.07
N PHE C 73 33.91 -43.30 15.36
CA PHE C 73 32.53 -43.17 14.92
C PHE C 73 32.60 -42.50 13.56
N SER C 74 32.16 -43.27 12.54
CA SER C 74 32.28 -42.79 11.23
C SER C 74 30.98 -42.54 10.58
N LEU C 75 31.02 -41.60 9.60
CA LEU C 75 29.82 -41.22 8.82
C LEU C 75 30.08 -41.36 7.36
N ILE C 76 29.19 -42.09 6.70
CA ILE C 76 29.44 -42.57 5.38
C ILE C 76 28.35 -41.96 4.47
N LEU C 77 28.83 -41.25 3.43
CA LEU C 77 28.06 -40.70 2.37
C LEU C 77 28.46 -41.44 1.08
N GLU C 78 27.76 -42.52 0.79
CA GLU C 78 27.95 -43.36 -0.39
C GLU C 78 27.66 -42.73 -1.74
N LEU C 79 26.59 -41.96 -1.80
CA LEU C 79 26.24 -41.32 -3.02
C LEU C 79 25.99 -39.79 -2.86
N ALA C 80 27.09 -39.03 -2.87
CA ALA C 80 27.08 -37.61 -2.51
C ALA C 80 26.28 -36.72 -3.42
N THR C 81 25.68 -35.74 -2.78
CA THR C 81 24.71 -34.86 -3.37
C THR C 81 25.06 -33.45 -2.86
N PRO C 82 25.07 -32.43 -3.76
CA PRO C 82 25.00 -30.98 -3.38
C PRO C 82 24.36 -30.68 -2.03
N SER C 83 23.19 -31.29 -1.76
CA SER C 83 22.46 -31.10 -0.48
C SER C 83 23.25 -31.47 0.82
N GLN C 84 24.20 -32.37 0.67
CA GLN C 84 25.11 -32.77 1.75
C GLN C 84 26.32 -31.84 1.99
N THR C 85 26.43 -30.77 1.19
CA THR C 85 27.26 -29.59 1.51
C THR C 85 26.84 -28.99 2.90
N SER C 86 27.79 -28.90 3.84
CA SER C 86 27.45 -28.45 5.19
C SER C 86 28.69 -28.37 6.02
N VAL C 87 28.52 -28.04 7.32
CA VAL C 87 29.63 -28.35 8.38
C VAL C 87 29.14 -29.42 9.35
N TYR C 88 29.93 -30.47 9.50
CA TYR C 88 29.63 -31.65 10.30
C TYR C 88 30.43 -31.62 11.57
N PHE C 89 29.71 -31.77 12.68
CA PHE C 89 30.26 -31.89 14.05
C PHE C 89 30.00 -33.27 14.69
N CYS C 90 31.03 -33.71 15.33
CA CYS C 90 31.04 -34.93 16.04
C CYS C 90 30.98 -34.53 17.49
N ALA C 91 30.29 -35.32 18.28
CA ALA C 91 30.31 -35.23 19.68
C ALA C 91 30.55 -36.60 20.36
N SER C 92 31.00 -36.55 21.62
CA SER C 92 31.10 -37.69 22.43
C SER C 92 30.54 -37.37 23.82
N GLY C 93 29.97 -38.34 24.58
CA GLY C 93 29.50 -37.98 25.92
C GLY C 93 29.25 -39.23 26.69
N ASP C 94 28.90 -39.14 27.97
CA ASP C 94 28.77 -40.30 28.80
C ASP C 94 27.49 -40.25 29.59
N ARG C 101 29.81 -36.09 29.76
CA ARG C 101 28.65 -35.27 29.18
C ARG C 101 29.06 -34.49 27.89
N LEU C 102 28.17 -34.06 27.02
CA LEU C 102 28.59 -33.63 25.62
C LEU C 102 29.78 -32.76 25.32
N PHE C 103 30.71 -33.24 24.47
CA PHE C 103 31.97 -32.55 24.00
C PHE C 103 31.95 -32.61 22.51
N PHE C 104 32.20 -31.51 21.84
CA PHE C 104 32.08 -31.49 20.41
C PHE C 104 33.42 -31.42 19.79
N GLY C 105 33.53 -31.87 18.53
CA GLY C 105 34.72 -31.65 17.75
C GLY C 105 34.70 -30.25 17.12
N HIS C 106 35.69 -29.98 16.23
CA HIS C 106 36.00 -28.70 15.69
C HIS C 106 35.28 -28.44 14.38
N GLY C 107 34.70 -29.51 13.84
CA GLY C 107 33.95 -29.48 12.58
C GLY C 107 34.73 -29.83 11.31
N THR C 108 33.98 -30.28 10.29
CA THR C 108 34.45 -30.66 8.96
C THR C 108 33.64 -29.91 7.94
N LYS C 109 34.24 -28.98 7.20
CA LYS C 109 33.49 -28.36 6.08
C LYS C 109 33.40 -29.37 4.93
N LEU C 110 32.21 -29.71 4.48
CA LEU C 110 32.17 -30.54 3.28
C LEU C 110 31.44 -29.77 2.18
N SER C 111 32.12 -29.76 1.03
CA SER C 111 31.55 -29.23 -0.21
C SER C 111 31.31 -30.33 -1.29
N VAL C 112 30.06 -30.49 -1.69
CA VAL C 112 29.80 -31.40 -2.76
C VAL C 112 29.59 -30.59 -4.04
N LEU C 113 30.64 -30.74 -4.85
CA LEU C 113 30.86 -30.06 -6.12
C LEU C 113 30.21 -30.94 -7.20
N GLY C 114 28.98 -30.60 -7.57
CA GLY C 114 28.19 -31.57 -8.33
C GLY C 114 27.84 -31.12 -9.73
N GLN C 129 10.86 -31.38 21.87
CA GLN C 129 11.17 -29.96 21.40
C GLN C 129 11.75 -28.99 22.45
N VAL C 130 12.70 -28.18 21.93
CA VAL C 130 13.44 -27.16 22.69
C VAL C 130 13.47 -25.99 21.79
N ARG C 131 12.92 -24.91 22.29
CA ARG C 131 12.75 -23.69 21.47
C ARG C 131 13.54 -22.49 22.09
N GLN C 132 14.38 -21.87 21.24
CA GLN C 132 15.17 -20.65 21.57
C GLN C 132 14.46 -19.45 20.92
N SER C 133 14.15 -18.45 21.66
CA SER C 133 14.17 -17.07 21.27
C SER C 133 15.17 -16.05 21.87
N PRO C 134 15.56 -15.02 21.05
CA PRO C 134 15.23 -14.90 19.55
C PRO C 134 16.19 -15.77 18.67
N GLN C 135 15.83 -16.05 17.43
CA GLN C 135 16.70 -16.68 16.51
C GLN C 135 17.99 -15.84 16.39
N SER C 136 17.87 -14.54 16.40
CA SER C 136 19.01 -13.68 16.31
C SER C 136 18.87 -12.44 17.20
N LEU C 137 19.97 -11.96 17.75
CA LEU C 137 19.99 -10.78 18.67
C LEU C 137 21.18 -9.82 18.45
N THR C 138 20.92 -8.52 18.32
CA THR C 138 21.99 -7.53 18.31
C THR C 138 21.91 -6.52 19.40
N VAL C 139 22.98 -6.43 20.23
CA VAL C 139 23.09 -5.50 21.35
C VAL C 139 24.35 -4.64 21.16
N TRP C 140 24.33 -3.42 21.70
CA TRP C 140 25.53 -2.64 21.83
C TRP C 140 26.29 -3.15 23.10
N GLU C 141 27.61 -3.18 23.04
CA GLU C 141 28.43 -3.61 24.19
C GLU C 141 27.91 -2.85 25.50
N GLY C 142 27.79 -3.52 26.61
CA GLY C 142 27.17 -2.83 27.75
C GLY C 142 25.80 -3.39 28.16
N GLU C 143 24.94 -3.65 27.22
CA GLU C 143 23.62 -4.09 27.43
C GLU C 143 23.87 -5.51 28.01
N THR C 144 22.88 -5.98 28.79
CA THR C 144 22.82 -7.38 29.30
C THR C 144 22.08 -8.06 28.12
N ALA C 145 22.73 -9.06 27.50
CA ALA C 145 22.13 -9.87 26.44
C ALA C 145 21.33 -11.03 27.10
N ILE C 146 20.04 -11.13 26.79
CA ILE C 146 19.21 -12.12 27.39
C ILE C 146 18.70 -13.12 26.33
N LEU C 147 19.03 -14.38 26.47
CA LEU C 147 18.61 -15.42 25.53
C LEU C 147 17.66 -16.37 26.19
N ASN C 148 16.60 -16.71 25.49
CA ASN C 148 15.50 -17.50 26.15
C ASN C 148 15.37 -18.93 25.66
N CYS C 149 15.06 -19.83 26.59
CA CYS C 149 14.79 -21.25 26.23
C CYS C 149 13.49 -21.84 26.87
N SER C 150 12.87 -22.77 26.20
CA SER C 150 11.71 -23.43 26.78
C SER C 150 11.67 -24.83 26.19
N TYR C 151 11.08 -25.73 26.98
CA TYR C 151 10.97 -27.15 26.64
C TYR C 151 9.57 -27.68 26.98
N GLU C 152 9.33 -28.92 26.56
CA GLU C 152 8.02 -29.57 26.62
C GLU C 152 7.96 -30.61 27.75
N ASN C 153 9.03 -31.39 27.87
CA ASN C 153 9.00 -32.49 28.72
C ASN C 153 9.67 -32.24 30.08
N SER C 154 8.78 -32.25 31.08
CA SER C 154 9.06 -32.02 32.47
C SER C 154 9.90 -33.09 33.13
N ALA C 155 10.33 -34.10 32.37
CA ALA C 155 11.33 -35.06 32.79
C ALA C 155 12.84 -34.62 32.57
N PHE C 156 13.07 -33.67 31.69
CA PHE C 156 14.41 -33.13 31.43
C PHE C 156 14.98 -32.55 32.74
N ASP C 157 16.18 -32.94 33.12
CA ASP C 157 16.66 -32.57 34.45
C ASP C 157 17.93 -31.72 34.48
N TYR C 158 18.64 -31.68 33.39
CA TYR C 158 19.90 -31.07 33.35
C TYR C 158 19.90 -30.17 32.04
N PHE C 159 20.40 -28.93 32.13
CA PHE C 159 20.29 -27.94 31.00
C PHE C 159 21.57 -27.15 30.85
N PRO C 160 22.47 -27.63 29.96
CA PRO C 160 23.71 -26.96 29.56
C PRO C 160 23.53 -25.90 28.50
N TRP C 161 24.31 -24.82 28.62
CA TRP C 161 24.43 -23.92 27.45
C TRP C 161 25.78 -24.04 26.87
N TYR C 162 25.83 -23.96 25.57
CA TYR C 162 27.11 -24.08 24.80
C TYR C 162 27.28 -22.78 24.00
N GLN C 163 28.55 -22.37 23.82
CA GLN C 163 28.84 -21.19 23.15
C GLN C 163 29.74 -21.60 21.98
N GLN C 164 29.30 -21.25 20.76
CA GLN C 164 30.04 -21.55 19.55
C GLN C 164 30.67 -20.28 18.84
N PHE C 165 32.01 -20.19 18.87
CA PHE C 165 32.82 -19.26 18.12
C PHE C 165 32.91 -19.69 16.62
N PRO C 166 32.87 -18.70 15.70
CA PRO C 166 33.02 -18.99 14.26
C PRO C 166 34.30 -19.84 14.00
N GLY C 167 34.19 -20.87 13.15
CA GLY C 167 35.20 -21.92 12.90
C GLY C 167 35.54 -22.87 14.07
N GLU C 168 34.63 -23.03 15.02
CA GLU C 168 34.83 -23.87 16.18
C GLU C 168 33.54 -24.70 16.46
N GLY C 169 33.70 -25.79 17.29
CA GLY C 169 32.46 -26.51 17.71
C GLY C 169 31.90 -25.85 18.96
N PRO C 170 30.63 -26.17 19.29
CA PRO C 170 30.09 -25.65 20.55
C PRO C 170 30.89 -26.20 21.72
N ALA C 171 31.24 -25.31 22.66
CA ALA C 171 31.95 -25.64 23.91
C ALA C 171 31.00 -25.36 25.06
N LEU C 172 31.12 -26.09 26.17
CA LEU C 172 30.22 -25.84 27.27
C LEU C 172 30.46 -24.49 27.97
N LEU C 173 29.34 -23.72 28.18
CA LEU C 173 29.48 -22.41 28.82
C LEU C 173 29.18 -22.40 30.35
N ILE C 174 27.97 -22.88 30.69
CA ILE C 174 27.38 -22.74 32.00
C ILE C 174 26.25 -23.80 31.94
N SER C 175 25.91 -24.44 33.05
CA SER C 175 24.77 -25.42 33.12
C SER C 175 23.92 -25.34 34.36
N ILE C 176 22.75 -25.93 34.33
CA ILE C 176 21.91 -25.94 35.54
C ILE C 176 21.09 -27.26 35.64
N LEU C 177 20.71 -27.63 36.86
CA LEU C 177 19.74 -28.72 37.12
C LEU C 177 18.39 -28.20 37.51
N SER C 178 17.37 -28.99 37.15
CA SER C 178 15.98 -28.58 37.33
C SER C 178 15.79 -28.31 38.82
N VAL C 179 16.74 -28.65 39.69
CA VAL C 179 16.58 -28.46 41.13
C VAL C 179 16.93 -27.06 41.67
N SER C 180 17.64 -26.22 40.90
CA SER C 180 17.94 -24.83 41.28
C SER C 180 17.13 -23.93 40.36
N ASP C 181 16.91 -22.68 40.82
CA ASP C 181 16.34 -21.69 39.95
C ASP C 181 17.31 -20.66 39.36
N LYS C 182 18.57 -20.66 39.85
CA LYS C 182 19.58 -19.72 39.49
C LYS C 182 20.99 -20.36 39.53
N LYS C 183 21.84 -20.13 38.52
CA LYS C 183 23.28 -20.38 38.53
C LYS C 183 24.06 -19.15 37.99
N GLU C 184 24.98 -18.60 38.77
CA GLU C 184 25.82 -17.53 38.36
C GLU C 184 27.27 -17.87 38.31
N ASP C 185 28.01 -17.22 37.38
CA ASP C 185 29.41 -17.53 37.03
C ASP C 185 30.01 -16.37 36.23
N GLY C 186 30.66 -15.46 36.94
CA GLY C 186 31.30 -14.29 36.30
C GLY C 186 30.15 -13.45 35.80
N ARG C 187 30.16 -13.16 34.51
CA ARG C 187 29.08 -12.29 33.89
C ARG C 187 27.84 -13.06 33.42
N PHE C 188 27.79 -14.40 33.64
CA PHE C 188 26.89 -15.33 33.00
C PHE C 188 25.92 -15.91 34.03
N THR C 189 24.60 -15.73 33.86
CA THR C 189 23.54 -16.21 34.75
C THR C 189 22.44 -16.97 34.03
N ILE C 190 22.24 -18.25 34.40
CA ILE C 190 20.96 -19.00 34.16
C ILE C 190 19.86 -18.80 35.24
N PHE C 191 18.69 -18.35 34.83
CA PHE C 191 17.47 -18.30 35.65
C PHE C 191 16.57 -19.38 35.09
N PHE C 192 16.13 -20.34 35.94
CA PHE C 192 15.40 -21.53 35.56
C PHE C 192 14.07 -21.54 36.26
N ASN C 193 13.00 -21.69 35.50
CA ASN C 193 11.67 -21.75 36.08
C ASN C 193 11.07 -23.06 35.67
N LYS C 194 11.24 -24.06 36.54
CA LYS C 194 10.67 -25.39 36.29
C LYS C 194 9.12 -25.36 36.26
N ARG C 195 8.48 -24.55 37.10
CA ARG C 195 7.04 -24.40 36.94
C ARG C 195 6.64 -24.11 35.48
N GLU C 196 7.40 -23.27 34.77
CA GLU C 196 6.88 -22.79 33.44
C GLU C 196 7.54 -23.51 32.34
N LYS C 197 8.48 -24.42 32.69
CA LYS C 197 9.47 -25.00 31.77
C LYS C 197 10.15 -23.94 30.86
N LYS C 198 10.65 -22.90 31.52
CA LYS C 198 11.45 -21.86 30.88
C LYS C 198 12.71 -21.54 31.63
N LEU C 199 13.69 -21.10 30.84
CA LEU C 199 14.95 -20.63 31.41
C LEU C 199 15.53 -19.50 30.53
N SER C 200 16.47 -18.72 31.07
CA SER C 200 17.07 -17.69 30.22
C SER C 200 18.51 -17.60 30.59
N LEU C 201 19.39 -17.31 29.63
CA LEU C 201 20.79 -16.99 29.92
C LEU C 201 20.95 -15.45 29.79
N HIS C 202 21.36 -14.81 30.91
CA HIS C 202 21.72 -13.39 30.90
C HIS C 202 23.24 -13.22 30.83
N ILE C 203 23.68 -12.37 29.92
CA ILE C 203 25.04 -12.08 29.77
C ILE C 203 25.19 -10.58 30.15
N ALA C 204 25.64 -10.37 31.39
CA ALA C 204 25.97 -9.06 31.94
C ALA C 204 27.10 -8.34 31.26
N ASP C 205 26.92 -7.04 31.03
CA ASP C 205 27.96 -6.17 30.52
C ASP C 205 28.49 -6.74 29.27
N SER C 206 27.62 -6.98 28.29
CA SER C 206 28.09 -7.68 27.05
C SER C 206 29.30 -7.01 26.38
N GLN C 207 30.18 -7.81 25.80
CA GLN C 207 31.38 -7.33 25.18
C GLN C 207 31.36 -7.82 23.76
N PRO C 208 32.08 -7.10 22.86
CA PRO C 208 32.22 -7.72 21.48
C PRO C 208 32.65 -9.21 21.33
N GLY C 209 33.52 -9.68 22.20
CA GLY C 209 33.97 -11.08 22.17
C GLY C 209 32.89 -12.09 22.54
N ASP C 210 31.76 -11.62 23.05
CA ASP C 210 30.65 -12.48 23.43
C ASP C 210 29.84 -12.82 22.13
N SER C 211 30.22 -12.19 21.00
CA SER C 211 29.54 -12.51 19.71
C SER C 211 29.70 -14.01 19.33
N ALA C 212 28.58 -14.79 19.20
CA ALA C 212 28.66 -16.27 19.03
C ALA C 212 27.24 -16.76 18.86
N THR C 213 27.05 -18.07 18.55
CA THR C 213 25.72 -18.82 18.56
C THR C 213 25.67 -19.56 19.86
N TYR C 214 24.56 -19.36 20.57
CA TYR C 214 24.38 -19.90 21.86
C TYR C 214 23.23 -20.94 21.77
N PHE C 215 23.54 -22.15 22.27
CA PHE C 215 22.61 -23.38 22.20
C PHE C 215 22.20 -23.74 23.57
N CYS C 216 20.89 -23.92 23.74
CA CYS C 216 20.30 -24.54 24.88
C CYS C 216 19.94 -26.01 24.54
N ALA C 217 20.31 -26.88 25.45
CA ALA C 217 20.06 -28.31 25.37
C ALA C 217 19.28 -28.61 26.67
N ALA C 218 18.40 -29.58 26.60
CA ALA C 218 17.78 -30.25 27.78
C ALA C 218 18.25 -31.69 27.82
N ILE C 219 18.83 -32.09 28.92
CA ILE C 219 19.17 -33.50 29.03
C ILE C 219 18.25 -34.24 29.99
N ASP C 220 17.88 -35.48 29.58
CA ASP C 220 17.29 -36.46 30.51
C ASP C 220 18.32 -37.48 30.87
N THR C 221 18.92 -37.38 32.06
CA THR C 221 20.08 -38.16 32.40
C THR C 221 19.72 -39.59 32.67
N ASN C 222 18.44 -39.91 32.84
CA ASN C 222 18.12 -41.29 33.08
C ASN C 222 17.86 -42.04 31.77
N ALA C 223 17.13 -41.37 30.87
CA ALA C 223 16.63 -41.87 29.61
C ALA C 223 17.71 -41.89 28.54
N TYR C 224 18.85 -41.29 28.91
CA TYR C 224 20.17 -41.11 28.23
C TYR C 224 20.19 -40.12 27.00
N LYS C 225 19.12 -39.23 27.04
CA LYS C 225 18.57 -38.41 25.91
C LYS C 225 19.08 -36.92 25.90
N VAL C 226 19.30 -36.36 24.70
CA VAL C 226 19.83 -34.98 24.51
C VAL C 226 19.08 -34.20 23.47
N ILE C 227 18.53 -33.01 23.78
CA ILE C 227 17.75 -32.24 22.78
C ILE C 227 18.35 -30.87 22.64
N PHE C 228 18.73 -30.50 21.42
CA PHE C 228 19.27 -29.16 21.22
C PHE C 228 18.20 -28.21 20.81
N GLY C 229 18.22 -26.99 21.37
CA GLY C 229 17.53 -25.88 20.68
C GLY C 229 18.23 -25.52 19.34
N LYS C 230 17.56 -24.73 18.48
CA LYS C 230 18.09 -24.24 17.24
C LYS C 230 19.17 -23.14 17.39
N GLY C 231 19.37 -22.54 18.58
CA GLY C 231 20.55 -21.60 18.70
C GLY C 231 20.05 -20.15 18.51
N THR C 232 20.72 -19.19 19.18
CA THR C 232 20.45 -17.72 19.00
C THR C 232 21.76 -17.19 18.56
N HIS C 233 21.82 -16.55 17.40
CA HIS C 233 23.04 -15.83 17.03
C HIS C 233 23.08 -14.49 17.78
N LEU C 234 24.11 -14.26 18.59
CA LEU C 234 24.28 -13.09 19.34
C LEU C 234 25.34 -12.20 18.69
N HIS C 235 24.96 -10.99 18.27
CA HIS C 235 25.89 -10.00 17.78
C HIS C 235 26.05 -8.76 18.79
N VAL C 236 27.21 -8.53 19.42
CA VAL C 236 27.50 -7.40 20.32
C VAL C 236 28.35 -6.50 19.49
N LEU C 237 27.86 -5.34 19.08
CA LEU C 237 28.62 -4.15 18.78
C LEU C 237 29.39 -3.34 19.75
N PRO C 238 30.40 -2.59 19.28
CA PRO C 238 31.06 -2.72 17.97
C PRO C 238 32.17 -3.82 17.92
N ALA D 2 0.03 -4.98 -11.65
CA ALA D 2 1.11 -5.06 -12.72
C ALA D 2 1.88 -6.35 -12.83
N VAL D 3 2.65 -6.81 -11.82
CA VAL D 3 3.19 -8.20 -11.87
C VAL D 3 2.60 -9.00 -10.71
N THR D 4 1.74 -10.00 -10.99
CA THR D 4 0.97 -10.72 -9.96
C THR D 4 1.61 -12.06 -10.01
N GLN D 5 1.78 -12.76 -8.85
CA GLN D 5 2.03 -14.23 -8.95
C GLN D 5 0.89 -14.99 -8.39
N SER D 6 0.95 -16.31 -8.39
CA SER D 6 -0.20 -17.07 -7.99
C SER D 6 0.25 -18.54 -7.92
N PRO D 7 0.08 -19.21 -6.76
CA PRO D 7 -0.42 -18.59 -5.51
C PRO D 7 0.65 -17.82 -4.73
N ARG D 8 0.26 -17.03 -3.73
CA ARG D 8 1.22 -16.32 -2.87
C ARG D 8 1.82 -17.31 -1.84
N ASN D 9 1.00 -18.27 -1.37
CA ASN D 9 1.52 -19.39 -0.48
C ASN D 9 1.17 -20.77 -1.00
N LYS D 10 2.11 -21.70 -0.94
CA LYS D 10 1.75 -23.02 -1.39
C LYS D 10 2.53 -24.06 -0.65
N VAL D 11 1.83 -25.08 -0.13
CA VAL D 11 2.53 -26.26 0.45
C VAL D 11 2.30 -27.46 -0.49
N ALA D 12 3.35 -28.21 -0.84
CA ALA D 12 3.18 -29.40 -1.69
C ALA D 12 3.84 -30.60 -0.97
N VAL D 13 3.56 -31.85 -1.41
CA VAL D 13 4.21 -33.02 -0.80
C VAL D 13 5.17 -33.62 -1.81
N THR D 14 6.30 -34.20 -1.36
CA THR D 14 7.35 -34.75 -2.23
C THR D 14 6.85 -35.59 -3.47
N GLY D 15 7.37 -35.29 -4.69
CA GLY D 15 7.07 -35.99 -5.96
C GLY D 15 5.68 -35.65 -6.48
N GLY D 16 5.11 -34.63 -5.86
CA GLY D 16 3.92 -33.98 -6.36
C GLY D 16 4.29 -32.97 -7.46
N LYS D 17 3.24 -32.45 -8.10
CA LYS D 17 3.28 -31.53 -9.22
C LYS D 17 2.78 -30.12 -8.80
N VAL D 18 3.66 -29.12 -8.93
CA VAL D 18 3.35 -27.67 -8.69
C VAL D 18 3.57 -26.77 -9.95
N THR D 19 2.68 -25.82 -10.13
CA THR D 19 2.84 -24.77 -11.11
C THR D 19 2.67 -23.38 -10.49
N LEU D 20 3.63 -22.52 -10.78
CA LEU D 20 3.64 -21.15 -10.30
C LEU D 20 3.42 -20.26 -11.49
N SER D 21 2.43 -19.38 -11.33
CA SER D 21 1.93 -18.61 -12.46
C SER D 21 2.28 -17.17 -12.23
N CYS D 22 2.77 -16.51 -13.27
CA CYS D 22 2.92 -15.09 -13.21
C CYS D 22 2.13 -14.44 -14.35
N ASN D 23 1.39 -13.36 -14.03
CA ASN D 23 0.70 -12.53 -15.02
C ASN D 23 1.30 -11.10 -15.06
N GLN D 24 1.50 -10.51 -16.25
CA GLN D 24 1.84 -9.15 -16.18
C GLN D 24 0.88 -8.32 -17.06
N THR D 25 0.63 -7.10 -16.56
CA THR D 25 -0.14 -6.06 -17.23
C THR D 25 0.73 -5.00 -17.94
N ASN D 26 2.03 -5.21 -18.12
CA ASN D 26 2.91 -4.12 -18.51
C ASN D 26 3.22 -4.09 -20.03
N ASN D 27 2.78 -5.16 -20.66
CA ASN D 27 3.09 -5.47 -22.05
C ASN D 27 4.60 -5.53 -22.27
N HIS D 28 5.32 -6.19 -21.37
CA HIS D 28 6.78 -6.29 -21.43
C HIS D 28 7.13 -7.54 -22.23
N ASN D 29 8.22 -7.53 -22.95
CA ASN D 29 8.56 -8.71 -23.74
C ASN D 29 9.20 -9.82 -22.92
N ASN D 30 10.14 -9.42 -22.01
CA ASN D 30 10.95 -10.35 -21.21
C ASN D 30 10.33 -10.63 -19.89
N MET D 31 10.27 -11.91 -19.58
CA MET D 31 9.84 -12.44 -18.29
C MET D 31 10.90 -13.34 -17.63
N TYR D 32 10.85 -13.50 -16.30
CA TYR D 32 11.96 -14.13 -15.48
C TYR D 32 11.41 -14.78 -14.21
N TRP D 33 11.99 -15.90 -13.86
CA TRP D 33 11.73 -16.58 -12.62
C TRP D 33 13.05 -16.80 -11.84
N TYR D 34 13.11 -16.30 -10.60
CA TYR D 34 14.12 -16.49 -9.58
C TYR D 34 13.52 -17.17 -8.38
N ARG D 35 14.42 -17.70 -7.58
CA ARG D 35 14.18 -18.19 -6.20
C ARG D 35 15.18 -17.41 -5.34
N GLN D 36 14.78 -17.20 -4.09
CA GLN D 36 15.65 -16.55 -3.13
C GLN D 36 15.89 -17.43 -1.87
N ASP D 37 17.16 -17.60 -1.54
CA ASP D 37 17.55 -18.47 -0.44
C ASP D 37 18.65 -17.71 0.24
N THR D 38 18.63 -17.69 1.60
CA THR D 38 19.78 -17.34 2.52
C THR D 38 21.12 -17.85 2.04
N GLY D 39 22.03 -16.92 1.80
CA GLY D 39 23.39 -17.23 1.33
C GLY D 39 23.54 -17.34 -0.17
N HIS D 40 22.41 -17.21 -0.87
CA HIS D 40 22.43 -17.34 -2.32
C HIS D 40 21.95 -16.12 -3.03
N GLY D 41 21.13 -15.30 -2.38
CA GLY D 41 20.49 -14.21 -3.04
C GLY D 41 19.36 -14.76 -3.94
N LEU D 42 19.09 -14.01 -5.02
CA LEU D 42 18.21 -14.40 -6.10
C LEU D 42 18.95 -15.16 -7.17
N ARG D 43 18.52 -16.36 -7.46
CA ARG D 43 19.12 -17.19 -8.54
C ARG D 43 18.11 -17.32 -9.63
N LEU D 44 18.58 -17.14 -10.88
CA LEU D 44 17.78 -17.15 -12.08
C LEU D 44 17.57 -18.57 -12.53
N ILE D 45 16.28 -18.94 -12.57
CA ILE D 45 15.93 -20.32 -12.85
C ILE D 45 15.71 -20.50 -14.41
N HIS D 46 14.69 -19.74 -14.93
CA HIS D 46 14.27 -19.67 -16.33
C HIS D 46 13.86 -18.25 -16.71
N TYR D 47 13.85 -17.94 -18.00
CA TYR D 47 13.40 -16.62 -18.45
C TYR D 47 12.91 -16.76 -19.92
N SER D 48 12.52 -15.63 -20.50
CA SER D 48 11.93 -15.66 -21.80
C SER D 48 12.05 -14.29 -22.44
N TYR D 49 12.25 -14.29 -23.75
CA TYR D 49 12.33 -13.07 -24.50
C TYR D 49 11.03 -12.74 -25.19
N GLY D 50 10.13 -13.69 -25.37
CA GLY D 50 8.80 -13.32 -25.92
C GLY D 50 7.86 -14.52 -25.81
N ALA D 51 6.57 -14.34 -26.16
CA ALA D 51 5.58 -15.42 -26.23
C ALA D 51 6.07 -16.57 -27.11
N GLY D 52 5.77 -17.82 -26.69
CA GLY D 52 6.17 -19.02 -27.45
C GLY D 52 7.59 -19.56 -27.12
N SER D 53 8.50 -18.83 -26.46
CA SER D 53 9.72 -19.46 -26.04
C SER D 53 10.22 -19.12 -24.62
N THR D 54 11.27 -19.85 -24.21
CA THR D 54 11.92 -19.80 -22.88
C THR D 54 13.42 -20.09 -23.04
N GLU D 55 14.22 -19.62 -22.08
CA GLU D 55 15.66 -19.80 -22.05
C GLU D 55 15.96 -20.28 -20.65
N LYS D 56 16.86 -21.23 -20.51
CA LYS D 56 17.51 -21.66 -19.25
C LYS D 56 18.25 -20.56 -18.56
N GLY D 57 18.04 -20.37 -17.25
CA GLY D 57 18.82 -19.40 -16.48
C GLY D 57 20.04 -20.09 -15.88
N ASP D 58 20.34 -19.75 -14.65
CA ASP D 58 21.56 -20.26 -14.06
C ASP D 58 21.36 -21.60 -13.42
N ILE D 59 20.15 -21.82 -12.92
CA ILE D 59 19.88 -23.02 -12.12
C ILE D 59 18.59 -23.74 -12.64
N PRO D 60 18.61 -24.16 -13.94
CA PRO D 60 17.36 -24.68 -14.49
C PRO D 60 16.92 -25.99 -13.89
N ASP D 61 17.80 -26.80 -13.32
CA ASP D 61 17.44 -28.19 -12.98
C ASP D 61 16.29 -28.42 -12.01
N GLY D 62 15.45 -29.40 -12.33
CA GLY D 62 14.22 -29.72 -11.67
C GLY D 62 13.03 -28.83 -12.06
N TYR D 63 13.24 -27.87 -12.97
CA TYR D 63 12.21 -26.87 -13.25
C TYR D 63 11.97 -26.81 -14.75
N LYS D 64 10.72 -26.55 -15.18
CA LYS D 64 10.42 -26.14 -16.55
C LYS D 64 9.73 -24.81 -16.58
N ALA D 65 9.51 -24.24 -17.74
CA ALA D 65 8.79 -22.96 -17.86
C ALA D 65 7.94 -22.93 -19.13
N SER D 66 6.92 -22.09 -19.16
CA SER D 66 6.10 -21.99 -20.33
C SER D 66 5.71 -20.51 -20.48
N ARG D 67 6.01 -19.92 -21.66
CA ARG D 67 5.59 -18.58 -22.04
C ARG D 67 4.53 -18.67 -23.19
N PRO D 68 3.28 -19.03 -22.89
CA PRO D 68 2.24 -19.19 -23.93
C PRO D 68 1.66 -17.89 -24.46
N SER D 69 1.93 -16.76 -23.80
CA SER D 69 1.36 -15.45 -24.19
C SER D 69 2.33 -14.40 -23.75
N GLN D 70 2.28 -13.19 -24.30
CA GLN D 70 3.00 -12.03 -23.73
C GLN D 70 2.90 -11.85 -22.19
N GLU D 71 1.71 -12.12 -21.63
CA GLU D 71 1.27 -11.76 -20.27
C GLU D 71 1.65 -12.78 -19.21
N ASN D 72 1.76 -14.04 -19.60
CA ASN D 72 1.89 -15.15 -18.72
C ASN D 72 3.19 -15.98 -18.88
N PHE D 73 3.76 -16.41 -17.74
CA PHE D 73 5.06 -17.07 -17.64
C PHE D 73 4.92 -17.95 -16.43
N SER D 74 4.96 -19.27 -16.69
CA SER D 74 4.70 -20.16 -15.65
C SER D 74 5.86 -21.01 -15.34
N LEU D 75 5.94 -21.44 -14.06
CA LEU D 75 7.05 -22.33 -13.63
C LEU D 75 6.49 -23.64 -13.23
N ILE D 76 7.09 -24.74 -13.71
CA ILE D 76 6.52 -26.05 -13.54
C ILE D 76 7.53 -26.95 -12.81
N LEU D 77 7.10 -27.42 -11.65
CA LEU D 77 7.85 -28.35 -10.83
C LEU D 77 7.11 -29.70 -10.86
N GLU D 78 7.60 -30.57 -11.69
CA GLU D 78 6.87 -31.79 -12.02
C GLU D 78 7.05 -32.89 -10.99
N LEU D 79 8.24 -32.98 -10.45
CA LEU D 79 8.52 -33.94 -9.43
C LEU D 79 9.16 -33.17 -8.24
N ALA D 80 8.28 -32.64 -7.39
CA ALA D 80 8.67 -31.73 -6.26
C ALA D 80 9.61 -32.34 -5.20
N THR D 81 10.63 -31.58 -4.87
CA THR D 81 11.67 -31.99 -3.98
C THR D 81 11.80 -30.97 -2.81
N PRO D 82 11.86 -31.46 -1.52
CA PRO D 82 12.33 -30.65 -0.38
C PRO D 82 13.22 -29.49 -0.75
N SER D 83 14.27 -29.73 -1.55
CA SER D 83 15.18 -28.69 -2.02
C SER D 83 14.54 -27.45 -2.76
N GLN D 84 13.28 -27.57 -3.16
CA GLN D 84 12.58 -26.57 -3.93
C GLN D 84 11.71 -25.72 -3.03
N THR D 85 11.85 -25.96 -1.73
CA THR D 85 11.34 -25.05 -0.70
C THR D 85 12.12 -23.71 -0.84
N SER D 86 11.40 -22.63 -1.09
CA SER D 86 12.04 -21.35 -1.28
C SER D 86 11.01 -20.30 -1.38
N VAL D 87 11.43 -19.08 -1.68
CA VAL D 87 10.50 -17.99 -2.23
C VAL D 87 10.89 -17.65 -3.65
N TYR D 88 9.90 -17.72 -4.51
CA TYR D 88 9.99 -17.53 -5.92
C TYR D 88 9.46 -16.19 -6.34
N PHE D 89 10.26 -15.45 -7.13
CA PHE D 89 9.91 -14.08 -7.68
C PHE D 89 9.91 -14.10 -9.20
N CYS D 90 8.82 -13.67 -9.74
CA CYS D 90 8.64 -13.38 -11.12
C CYS D 90 9.10 -11.94 -11.35
N ALA D 91 9.73 -11.69 -12.47
CA ALA D 91 9.84 -10.34 -12.96
C ALA D 91 9.41 -10.23 -14.50
N SER D 92 9.13 -8.98 -14.91
CA SER D 92 8.94 -8.61 -16.28
C SER D 92 9.83 -7.39 -16.67
N GLY D 93 10.19 -7.24 -17.95
CA GLY D 93 11.08 -6.11 -18.31
C GLY D 93 11.13 -5.93 -19.77
N ASP D 94 11.63 -4.81 -20.24
CA ASP D 94 11.63 -4.46 -21.67
C ASP D 94 13.05 -4.05 -22.10
N ARG D 101 14.80 -1.30 -17.31
CA ARG D 101 13.45 -1.81 -16.85
C ARG D 101 13.50 -3.24 -16.33
N LEU D 102 12.90 -3.43 -15.16
CA LEU D 102 12.73 -4.78 -14.51
C LEU D 102 11.92 -4.63 -13.25
N PHE D 103 10.76 -5.29 -13.17
CA PHE D 103 9.69 -5.09 -12.14
C PHE D 103 9.47 -6.47 -11.59
N PHE D 104 9.51 -6.59 -10.28
CA PHE D 104 9.37 -7.89 -9.62
C PHE D 104 8.00 -7.99 -9.06
N GLY D 105 7.48 -9.21 -9.02
CA GLY D 105 6.30 -9.50 -8.27
C GLY D 105 6.70 -9.65 -6.81
N HIS D 106 5.71 -10.06 -5.99
CA HIS D 106 5.85 -10.02 -4.56
C HIS D 106 6.11 -11.33 -3.86
N GLY D 107 6.32 -12.37 -4.69
CA GLY D 107 6.76 -13.70 -4.28
C GLY D 107 5.63 -14.69 -3.97
N THR D 108 6.05 -15.96 -3.97
CA THR D 108 5.34 -17.17 -3.57
C THR D 108 6.23 -17.93 -2.57
N LYS D 109 5.82 -18.10 -1.30
CA LYS D 109 6.46 -19.14 -0.48
C LYS D 109 6.00 -20.52 -0.93
N LEU D 110 6.98 -21.36 -1.24
CA LEU D 110 6.69 -22.75 -1.54
C LEU D 110 7.28 -23.63 -0.45
N SER D 111 6.43 -24.49 0.11
CA SER D 111 6.93 -25.56 0.99
C SER D 111 6.74 -27.03 0.49
N VAL D 112 7.87 -27.69 0.31
CA VAL D 112 7.79 -29.06 -0.04
C VAL D 112 8.01 -29.95 1.21
N LEU D 113 6.88 -30.53 1.62
CA LEU D 113 6.74 -31.53 2.74
C LEU D 113 7.40 -32.89 2.45
N GLY D 128 32.03 -12.69 -15.80
CA GLY D 128 30.55 -12.74 -15.87
C GLY D 128 29.83 -12.12 -14.67
N GLN D 129 30.35 -12.28 -13.44
CA GLN D 129 29.55 -11.76 -12.32
C GLN D 129 29.57 -10.27 -11.86
N VAL D 130 28.86 -10.08 -10.72
CA VAL D 130 28.57 -8.83 -10.02
C VAL D 130 28.69 -9.22 -8.57
N ARG D 131 29.71 -8.72 -7.90
CA ARG D 131 29.98 -8.97 -6.44
C ARG D 131 29.58 -7.75 -5.52
N GLN D 132 28.84 -8.05 -4.45
CA GLN D 132 28.40 -7.07 -3.39
C GLN D 132 29.29 -7.36 -2.16
N SER D 133 29.95 -6.38 -1.64
CA SER D 133 30.21 -6.21 -0.22
C SER D 133 29.57 -5.17 0.70
N PRO D 134 29.49 -5.47 2.06
CA PRO D 134 29.60 -6.79 2.72
C PRO D 134 28.31 -7.56 2.49
N GLN D 135 28.32 -8.85 2.76
CA GLN D 135 27.14 -9.63 2.73
C GLN D 135 26.08 -9.06 3.72
N SER D 136 26.45 -8.63 4.93
CA SER D 136 25.55 -7.89 5.76
C SER D 136 26.21 -6.80 6.51
N LEU D 137 25.41 -5.78 6.83
CA LEU D 137 25.87 -4.54 7.49
C LEU D 137 24.89 -4.13 8.59
N THR D 138 25.41 -3.79 9.77
CA THR D 138 24.73 -3.19 10.87
C THR D 138 25.26 -1.87 11.27
N VAL D 139 24.38 -0.83 11.23
CA VAL D 139 24.72 0.55 11.59
C VAL D 139 23.71 1.06 12.63
N TRP D 140 24.14 1.96 13.49
CA TRP D 140 23.19 2.69 14.29
C TRP D 140 22.54 3.77 13.44
N GLU D 141 21.29 4.07 13.69
CA GLU D 141 20.63 5.17 12.96
C GLU D 141 21.53 6.46 12.94
N GLY D 142 21.58 7.17 11.82
CA GLY D 142 22.47 8.32 11.78
C GLY D 142 23.75 8.07 10.96
N GLU D 143 24.32 6.89 10.94
CA GLU D 143 25.56 6.65 10.24
C GLU D 143 25.17 6.67 8.78
N THR D 144 26.12 7.01 7.91
CA THR D 144 25.89 6.83 6.43
C THR D 144 26.20 5.33 6.18
N ALA D 145 25.24 4.57 5.67
CA ALA D 145 25.38 3.15 5.31
C ALA D 145 25.92 3.10 3.89
N ILE D 146 27.07 2.44 3.72
CA ILE D 146 27.77 2.38 2.44
C ILE D 146 27.78 0.94 1.92
N LEU D 147 27.12 0.68 0.81
CA LEU D 147 27.05 -0.64 0.16
C LEU D 147 27.81 -0.58 -1.16
N ASN D 148 28.72 -1.50 -1.26
CA ASN D 148 29.72 -1.60 -2.38
C ASN D 148 29.41 -2.64 -3.45
N CYS D 149 29.55 -2.26 -4.70
CA CYS D 149 29.40 -3.23 -5.84
C CYS D 149 30.57 -3.24 -6.86
N SER D 150 30.80 -4.37 -7.53
CA SER D 150 31.84 -4.39 -8.56
C SER D 150 31.45 -5.42 -9.59
N TYR D 151 31.98 -5.21 -10.79
CA TYR D 151 31.67 -6.07 -11.95
C TYR D 151 32.94 -6.27 -12.78
N GLU D 152 32.82 -7.07 -13.84
CA GLU D 152 33.96 -7.56 -14.61
C GLU D 152 33.89 -7.10 -16.07
N ASN D 153 32.67 -7.11 -16.62
CA ASN D 153 32.44 -6.77 -17.98
C ASN D 153 32.16 -5.27 -18.25
N SER D 154 33.14 -4.61 -18.90
CA SER D 154 33.05 -3.21 -19.35
C SER D 154 31.89 -2.95 -20.34
N ALA D 155 31.22 -4.01 -20.80
CA ALA D 155 30.07 -3.81 -21.66
C ALA D 155 28.88 -3.16 -20.90
N PHE D 156 28.79 -3.42 -19.61
CA PHE D 156 27.65 -3.04 -18.78
C PHE D 156 27.46 -1.53 -18.74
N ASP D 157 26.27 -1.09 -19.00
CA ASP D 157 26.16 0.35 -19.18
C ASP D 157 25.13 1.00 -18.24
N TYR D 158 24.29 0.17 -17.64
CA TYR D 158 23.23 0.67 -16.85
C TYR D 158 23.21 -0.13 -15.53
N PHE D 159 23.12 0.60 -14.41
CA PHE D 159 23.27 -0.04 -13.05
C PHE D 159 22.20 0.43 -12.03
N PRO D 160 21.13 -0.35 -11.97
CA PRO D 160 20.02 -0.14 -10.98
C PRO D 160 20.28 -0.73 -9.61
N TRP D 161 19.87 -0.01 -8.58
CA TRP D 161 19.79 -0.67 -7.24
C TRP D 161 18.36 -0.93 -6.89
N TYR D 162 18.12 -2.06 -6.24
CA TYR D 162 16.77 -2.47 -5.85
C TYR D 162 16.75 -2.62 -4.31
N GLN D 163 15.63 -2.26 -3.68
CA GLN D 163 15.48 -2.34 -2.30
C GLN D 163 14.34 -3.33 -1.98
N GLN D 164 14.65 -4.33 -1.16
CA GLN D 164 13.62 -5.32 -0.82
C GLN D 164 13.18 -5.37 0.69
N PHE D 165 11.93 -4.98 0.96
CA PHE D 165 11.41 -5.04 2.26
C PHE D 165 10.97 -6.49 2.56
N PRO D 166 11.12 -6.93 3.86
CA PRO D 166 10.65 -8.29 4.17
C PRO D 166 9.19 -8.52 3.76
N GLY D 167 8.94 -9.73 3.26
CA GLY D 167 7.66 -10.14 2.60
C GLY D 167 7.32 -9.39 1.31
N GLU D 168 8.27 -8.61 0.72
CA GLU D 168 8.08 -7.97 -0.59
C GLU D 168 9.12 -8.45 -1.64
N GLY D 169 8.87 -8.12 -2.92
CA GLY D 169 9.86 -8.41 -4.02
C GLY D 169 10.72 -7.19 -4.11
N PRO D 170 11.95 -7.34 -4.71
CA PRO D 170 12.76 -6.07 -4.80
C PRO D 170 12.06 -5.02 -5.63
N ALA D 171 12.25 -3.75 -5.24
CA ALA D 171 11.66 -2.60 -5.95
C ALA D 171 12.79 -1.64 -6.30
N LEU D 172 12.69 -0.98 -7.41
CA LEU D 172 13.77 -0.11 -7.83
C LEU D 172 13.97 1.09 -6.95
N LEU D 173 15.24 1.34 -6.51
CA LEU D 173 15.54 2.46 -5.65
C LEU D 173 16.12 3.70 -6.32
N ILE D 174 17.13 3.49 -7.15
CA ILE D 174 17.97 4.56 -7.68
C ILE D 174 18.77 3.77 -8.75
N SER D 175 19.17 4.40 -9.85
CA SER D 175 20.04 3.72 -10.86
C SER D 175 21.00 4.72 -11.49
N ILE D 176 21.96 4.28 -12.27
CA ILE D 176 22.91 5.19 -12.96
C ILE D 176 23.36 4.58 -14.30
N LEU D 177 23.90 5.39 -15.20
CA LEU D 177 24.53 4.89 -16.45
C LEU D 177 25.98 5.10 -16.38
N SER D 178 26.69 4.21 -17.08
CA SER D 178 28.14 4.25 -17.24
C SER D 178 28.66 5.61 -17.64
N VAL D 179 27.80 6.46 -18.24
CA VAL D 179 28.23 7.79 -18.65
C VAL D 179 28.44 8.81 -17.51
N SER D 180 27.93 8.48 -16.32
CA SER D 180 27.85 9.41 -15.21
C SER D 180 28.73 8.86 -14.04
N ASP D 181 29.32 9.72 -13.23
CA ASP D 181 30.01 9.23 -12.03
C ASP D 181 29.33 9.38 -10.64
N LYS D 182 28.18 10.03 -10.60
CA LYS D 182 27.41 10.35 -9.45
C LYS D 182 25.86 10.55 -9.79
N LYS D 183 24.93 9.98 -9.01
CA LYS D 183 23.49 10.29 -8.97
C LYS D 183 23.01 10.44 -7.49
N GLU D 184 22.51 11.61 -7.08
CA GLU D 184 21.87 11.75 -5.82
C GLU D 184 20.43 11.98 -5.92
N ASP D 185 19.66 11.31 -5.02
CA ASP D 185 18.26 11.42 -4.89
C ASP D 185 17.86 11.40 -3.39
N GLY D 186 17.66 12.57 -2.79
CA GLY D 186 17.42 12.70 -1.36
C GLY D 186 18.58 12.16 -0.55
N ARG D 187 18.27 11.21 0.35
CA ARG D 187 19.35 10.63 1.19
C ARG D 187 20.21 9.58 0.45
N PHE D 188 19.92 9.28 -0.85
CA PHE D 188 20.57 8.17 -1.54
C PHE D 188 21.48 8.68 -2.64
N THR D 189 22.78 8.30 -2.62
CA THR D 189 23.77 8.57 -3.66
C THR D 189 24.49 7.33 -4.24
N ILE D 190 24.31 7.03 -5.53
CA ILE D 190 25.38 6.31 -6.35
C ILE D 190 26.69 7.09 -6.78
N PHE D 191 27.84 6.54 -6.39
CA PHE D 191 29.16 6.96 -6.89
C PHE D 191 29.66 5.80 -7.77
N PHE D 192 29.98 6.10 -9.06
CA PHE D 192 30.29 5.09 -10.05
C PHE D 192 31.67 5.37 -10.56
N ASN D 193 32.51 4.35 -10.59
CA ASN D 193 33.91 4.51 -11.11
C ASN D 193 34.10 3.44 -12.19
N LYS D 194 33.76 3.83 -13.43
CA LYS D 194 33.88 2.97 -14.64
C LYS D 194 35.32 2.43 -14.83
N ARG D 195 36.29 3.31 -14.64
CA ARG D 195 37.66 2.96 -14.69
C ARG D 195 37.97 1.76 -13.80
N GLU D 196 37.41 1.70 -12.59
CA GLU D 196 37.79 0.58 -11.66
C GLU D 196 36.76 -0.48 -11.71
N LYS D 197 35.65 -0.21 -12.42
CA LYS D 197 34.46 -1.09 -12.48
C LYS D 197 33.89 -1.34 -11.04
N LYS D 198 33.71 -0.23 -10.33
CA LYS D 198 33.21 -0.23 -8.98
C LYS D 198 32.18 0.86 -8.80
N LEU D 199 31.28 0.56 -7.86
CA LEU D 199 30.20 1.51 -7.52
C LEU D 199 29.78 1.40 -6.02
N SER D 200 29.21 2.49 -5.49
CA SER D 200 28.83 2.55 -4.08
C SER D 200 27.43 3.12 -4.04
N LEU D 201 26.59 2.56 -3.16
CA LEU D 201 25.37 3.22 -2.71
C LEU D 201 25.60 3.71 -1.25
N HIS D 202 25.54 5.05 -1.08
CA HIS D 202 25.55 5.68 0.24
C HIS D 202 24.13 6.06 0.65
N ILE D 203 23.73 5.62 1.85
CA ILE D 203 22.49 6.00 2.45
C ILE D 203 22.77 7.03 3.58
N ALA D 204 22.68 8.35 3.29
CA ALA D 204 22.87 9.43 4.31
C ALA D 204 21.91 9.34 5.47
N ASP D 205 22.36 9.62 6.66
CA ASP D 205 21.46 9.69 7.78
C ASP D 205 20.63 8.48 7.88
N SER D 206 21.25 7.31 7.91
CA SER D 206 20.39 6.08 8.01
C SER D 206 19.26 6.06 9.10
N GLN D 207 18.17 5.39 8.78
CA GLN D 207 16.98 5.31 9.62
C GLN D 207 16.64 3.85 9.78
N PRO D 208 15.95 3.52 10.87
CA PRO D 208 15.52 2.08 10.97
C PRO D 208 14.68 1.48 9.82
N GLY D 209 13.83 2.29 9.16
CA GLY D 209 13.07 1.88 7.98
C GLY D 209 13.87 1.59 6.73
N ASP D 210 15.18 1.86 6.75
CA ASP D 210 16.09 1.64 5.66
C ASP D 210 16.55 0.17 5.75
N SER D 211 16.24 -0.48 6.87
CA SER D 211 16.49 -1.97 7.02
C SER D 211 15.84 -2.83 5.84
N ALA D 212 16.69 -3.54 5.06
CA ALA D 212 16.24 -4.19 3.82
C ALA D 212 17.45 -4.88 3.22
N THR D 213 17.24 -5.76 2.22
CA THR D 213 18.35 -6.35 1.32
C THR D 213 18.45 -5.46 0.08
N TYR D 214 19.66 -5.07 -0.24
CA TYR D 214 19.90 -4.12 -1.31
C TYR D 214 20.68 -4.84 -2.42
N PHE D 215 20.16 -4.81 -3.64
CA PHE D 215 20.78 -5.56 -4.81
C PHE D 215 21.32 -4.60 -5.78
N CYS D 216 22.54 -4.85 -6.21
CA CYS D 216 23.13 -4.25 -7.38
C CYS D 216 22.98 -5.15 -8.61
N ALA D 217 22.49 -4.56 -9.64
CA ALA D 217 22.31 -5.28 -10.92
C ALA D 217 23.20 -4.48 -11.92
N ALA D 218 23.79 -5.20 -12.86
CA ALA D 218 24.49 -4.67 -14.06
C ALA D 218 23.66 -5.02 -15.30
N ILE D 219 23.12 -4.02 -15.95
CA ILE D 219 22.50 -4.31 -17.27
C ILE D 219 23.42 -3.95 -18.47
N ASP D 220 23.35 -4.83 -19.47
CA ASP D 220 23.89 -4.57 -20.82
C ASP D 220 22.69 -4.42 -21.71
N THR D 221 22.26 -3.17 -21.97
CA THR D 221 21.01 -2.88 -22.70
C THR D 221 20.98 -3.33 -24.16
N ASN D 222 22.15 -3.43 -24.81
CA ASN D 222 22.23 -3.80 -26.21
C ASN D 222 22.07 -5.29 -26.33
N ALA D 223 22.78 -5.96 -25.43
CA ALA D 223 23.01 -7.39 -25.40
C ALA D 223 21.86 -8.15 -24.72
N TYR D 224 20.85 -7.40 -24.25
CA TYR D 224 19.80 -7.95 -23.34
C TYR D 224 20.31 -8.92 -22.19
N LYS D 225 21.30 -8.44 -21.40
CA LYS D 225 21.79 -9.17 -20.17
C LYS D 225 21.27 -8.45 -18.89
N VAL D 226 21.19 -9.20 -17.79
CA VAL D 226 20.93 -8.68 -16.42
C VAL D 226 21.64 -9.60 -15.43
N ILE D 227 22.68 -9.10 -14.74
CA ILE D 227 23.42 -9.91 -13.74
C ILE D 227 23.09 -9.26 -12.39
N PHE D 228 22.51 -10.02 -11.48
CA PHE D 228 22.25 -9.53 -10.10
C PHE D 228 23.41 -9.85 -9.23
N GLY D 229 23.83 -8.86 -8.45
CA GLY D 229 24.70 -9.17 -7.30
C GLY D 229 23.97 -10.03 -6.27
N LYS D 230 24.68 -10.58 -5.31
CA LYS D 230 24.11 -11.43 -4.28
C LYS D 230 23.33 -10.71 -3.18
N GLY D 231 23.45 -9.38 -3.07
CA GLY D 231 22.56 -8.69 -2.07
C GLY D 231 23.35 -8.39 -0.81
N THR D 232 23.10 -7.19 -0.27
CA THR D 232 23.65 -6.79 1.07
C THR D 232 22.48 -6.70 2.02
N HIS D 233 22.48 -7.47 3.10
CA HIS D 233 21.46 -7.26 4.10
C HIS D 233 21.83 -6.08 4.99
N LEU D 234 21.03 -5.02 4.99
CA LEU D 234 21.26 -3.88 5.80
C LEU D 234 20.38 -3.87 7.07
N HIS D 235 20.99 -3.79 8.24
CA HIS D 235 20.23 -3.62 9.50
C HIS D 235 20.60 -2.25 10.14
N VAL D 236 19.64 -1.33 10.34
CA VAL D 236 19.83 -0.01 10.95
C VAL D 236 19.13 -0.15 12.29
N LEU D 237 19.88 -0.21 13.39
CA LEU D 237 19.40 0.14 14.70
C LEU D 237 18.96 1.50 15.13
N PRO D 238 18.13 1.61 16.20
CA PRO D 238 17.46 0.51 16.92
C PRO D 238 16.22 -0.23 16.27
#